data_3PZ1
#
_entry.id   3PZ1
#
_cell.length_a   66.554
_cell.length_b   90.583
_cell.length_c   114.610
_cell.angle_alpha   90.00
_cell.angle_beta   90.00
_cell.angle_gamma   90.00
#
_symmetry.space_group_name_H-M   'P 21 21 21'
#
loop_
_entity.id
_entity.type
_entity.pdbx_description
1 polymer 'Geranylgeranyl transferase type-2 subunit alpha'
2 polymer 'Geranylgeranyl transferase type-2 subunit beta'
3 non-polymer (3R)-3-benzyl-4-[(4-methoxyphenyl)sulfonyl]-1-[(1-methyl-1H-imidazol-5-yl)methyl]-2,3,4,5-tetrahydro-1H-1,4-benzodiazepine-7-carbonitrile
4 non-polymer 'ZINC ION'
5 non-polymer 'CALCIUM ION'
6 non-polymer 'DIMETHYL SULFOXIDE'
7 water water
#
loop_
_entity_poly.entity_id
_entity_poly.type
_entity_poly.pdbx_seq_one_letter_code
_entity_poly.pdbx_strand_id
1 'polypeptide(L)'
;GHMHGRLKVKTSEEQAEAKRLEREQKLKLYQSATQAVFQKRQAGELDESVLELTSQILGANPDFATLWNCRREVLQHLET
EKSPEESAALVKAELGFLESCLRVNPKSYGTWHHRCWLLSRLPEPNWARELELCARFLEADERNFHCWDYRRFVAAQAAV
APAEELAFTDSLITRNFSNYSSWHYRSCLLPQLHPQPDSGPQGRLPENVLLKELELVQNAFFTDPNDQSAWFYHRWLLGA
GSGRCELSVEKSTVLQSELESCKELQELEPENKWCLLTIILLMRALDPLLYEKETLQYFSTLKAVDPMRAAYLDDLRSKF
LLENSVLKMEYA
;
A
2 'polypeptide(L)'
;GTQQKDVTIKSDAPDTLLLEKHADYIASYGSKKDDYEYCMSEYLRMSGVYWGLTVMDLMGQLHRMNKEEILVFIKSCQHE
CGGVSASIGHDPHLLYTLSAVQILTLYDSIHVINVDKVVAYVQSLQKEDGSFAGDIWGEIDTRFSFCAVATLALLGKLDA
INVEKAIEFVLSCMNFDGGFGCRPGSESHAGQIYCCTGFLAITSQLHQVNSDLLGWWLCERQLPSGGLNGRPEKLPDVCY
SWWVLASLKIIGRLHWIDREKLRSFILACQDEETGGFADRPGDMVDPFHTLFGIAGLSLLGEEQIKPVSPVFCMPEEVLQ
RVNVQPELVS
;
B
#
loop_
_chem_comp.id
_chem_comp.type
_chem_comp.name
_chem_comp.formula
3PZ non-polymer (3R)-3-benzyl-4-[(4-methoxyphenyl)sulfonyl]-1-[(1-methyl-1H-imidazol-5-yl)methyl]-2,3,4,5-tetrahydro-1H-1,4-benzodiazepine-7-carbonitrile 'C29 H29 N5 O3 S'
CA non-polymer 'CALCIUM ION' 'Ca 2'
DMS non-polymer 'DIMETHYL SULFOXIDE' 'C2 H6 O S'
ZN non-polymer 'ZINC ION' 'Zn 2'
#
# COMPACT_ATOMS: atom_id res chain seq x y z
N ALA A 18 15.79 -4.59 -34.39
CA ALA A 18 15.95 -5.87 -33.64
C ALA A 18 15.18 -5.85 -32.31
N LYS A 19 15.70 -5.11 -31.34
CA LYS A 19 15.08 -5.02 -30.01
C LYS A 19 13.90 -4.05 -30.03
N ARG A 20 14.16 -2.80 -30.40
CA ARG A 20 13.11 -1.77 -30.50
C ARG A 20 12.19 -2.05 -31.69
N LEU A 21 12.75 -2.58 -32.77
CA LEU A 21 11.98 -2.89 -33.97
C LEU A 21 10.94 -4.00 -33.73
N GLU A 22 11.30 -4.98 -32.91
CA GLU A 22 10.45 -6.14 -32.63
C GLU A 22 9.25 -5.80 -31.74
N ARG A 23 9.42 -4.87 -30.79
CA ARG A 23 8.32 -4.51 -29.90
C ARG A 23 7.24 -3.69 -30.62
N GLU A 24 7.51 -3.29 -31.86
CA GLU A 24 6.45 -2.88 -32.78
C GLU A 24 5.58 -4.08 -33.11
N GLN A 25 6.21 -5.22 -33.40
CA GLN A 25 5.49 -6.46 -33.73
C GLN A 25 4.73 -7.02 -32.52
N LYS A 26 5.31 -6.90 -31.33
CA LYS A 26 4.61 -7.27 -30.08
C LYS A 26 3.30 -6.47 -29.94
N LEU A 27 3.43 -5.15 -30.00
CA LEU A 27 2.28 -4.24 -29.91
C LEU A 27 1.14 -4.63 -30.84
N LYS A 28 1.47 -4.78 -32.12
CA LYS A 28 0.45 -5.00 -33.15
C LYS A 28 -0.22 -6.36 -33.01
N LEU A 29 0.50 -7.33 -32.44
CA LEU A 29 -0.08 -8.63 -32.10
C LEU A 29 -0.99 -8.49 -30.86
N TYR A 30 -0.45 -7.91 -29.79
CA TYR A 30 -1.25 -7.63 -28.60
CA TYR A 30 -1.23 -7.58 -28.59
C TYR A 30 -2.49 -6.83 -28.97
N GLN A 31 -2.29 -5.80 -29.79
CA GLN A 31 -3.36 -4.92 -30.29
C GLN A 31 -4.41 -5.69 -31.08
N SER A 32 -3.96 -6.53 -32.00
CA SER A 32 -4.85 -7.36 -32.81
CA SER A 32 -4.86 -7.35 -32.81
C SER A 32 -5.59 -8.38 -31.96
N ALA A 33 -4.88 -9.00 -31.02
CA ALA A 33 -5.49 -9.97 -30.12
C ALA A 33 -6.54 -9.32 -29.22
N THR A 34 -6.23 -8.15 -28.68
CA THR A 34 -7.18 -7.40 -27.85
C THR A 34 -8.43 -7.01 -28.67
N GLN A 35 -8.20 -6.51 -29.89
CA GLN A 35 -9.28 -6.23 -30.86
C GLN A 35 -10.24 -7.41 -30.98
N ALA A 36 -9.66 -8.59 -31.23
CA ALA A 36 -10.42 -9.81 -31.43
C ALA A 36 -11.21 -10.21 -30.20
N VAL A 37 -10.58 -10.12 -29.02
CA VAL A 37 -11.26 -10.46 -27.77
C VAL A 37 -12.51 -9.60 -27.57
N PHE A 38 -12.36 -8.28 -27.73
CA PHE A 38 -13.50 -7.39 -27.53
C PHE A 38 -14.60 -7.58 -28.59
N GLN A 39 -14.21 -7.83 -29.84
CA GLN A 39 -15.19 -8.10 -30.90
C GLN A 39 -15.98 -9.35 -30.56
N LYS A 40 -15.26 -10.42 -30.21
CA LYS A 40 -15.85 -11.67 -29.76
C LYS A 40 -16.78 -11.51 -28.57
N ARG A 41 -16.38 -10.66 -27.62
CA ARG A 41 -17.16 -10.45 -26.42
C ARG A 41 -18.49 -9.76 -26.68
N GLN A 42 -18.47 -8.74 -27.53
CA GLN A 42 -19.70 -8.05 -27.93
C GLN A 42 -20.64 -9.01 -28.67
N ALA A 43 -20.05 -9.88 -29.49
CA ALA A 43 -20.81 -10.88 -30.25
C ALA A 43 -21.42 -12.01 -29.40
N GLY A 44 -21.07 -12.08 -28.11
CA GLY A 44 -21.55 -13.17 -27.26
C GLY A 44 -20.79 -14.46 -27.47
N GLU A 45 -19.60 -14.36 -28.07
CA GLU A 45 -18.77 -15.55 -28.33
C GLU A 45 -17.89 -15.86 -27.14
N LEU A 46 -18.51 -16.44 -26.12
CA LEU A 46 -17.82 -16.89 -24.92
C LEU A 46 -17.34 -18.32 -25.12
N ASP A 47 -16.17 -18.47 -25.71
CA ASP A 47 -15.61 -19.79 -26.01
C ASP A 47 -14.09 -19.83 -25.78
N GLU A 48 -13.49 -20.99 -26.05
CA GLU A 48 -12.05 -21.23 -25.81
C GLU A 48 -11.12 -20.36 -26.63
N SER A 49 -11.58 -19.81 -27.74
CA SER A 49 -10.75 -18.92 -28.55
C SER A 49 -10.35 -17.65 -27.77
N VAL A 50 -11.26 -17.18 -26.91
CA VAL A 50 -10.99 -16.03 -26.05
C VAL A 50 -9.97 -16.37 -24.95
N LEU A 51 -10.06 -17.58 -24.41
CA LEU A 51 -9.04 -18.08 -23.49
C LEU A 51 -7.67 -18.06 -24.16
N GLU A 52 -7.62 -18.55 -25.39
CA GLU A 52 -6.37 -18.55 -26.15
C GLU A 52 -5.86 -17.12 -26.42
N LEU A 53 -6.74 -16.26 -26.91
CA LEU A 53 -6.37 -14.86 -27.15
C LEU A 53 -5.86 -14.16 -25.89
N THR A 54 -6.56 -14.33 -24.78
CA THR A 54 -6.16 -13.64 -23.55
C THR A 54 -4.88 -14.22 -22.92
N SER A 55 -4.62 -15.50 -23.12
CA SER A 55 -3.39 -16.11 -22.60
C SER A 55 -2.17 -15.39 -23.14
N GLN A 56 -2.27 -14.96 -24.40
CA GLN A 56 -1.18 -14.30 -25.11
C GLN A 56 -0.91 -12.88 -24.60
N ILE A 57 -1.94 -12.27 -24.01
CA ILE A 57 -1.86 -10.88 -23.55
C ILE A 57 -1.57 -10.81 -22.05
N LEU A 58 -2.29 -11.65 -21.28
CA LEU A 58 -2.21 -11.65 -19.81
C LEU A 58 -0.84 -12.06 -19.26
N GLY A 59 -0.09 -12.86 -20.03
CA GLY A 59 1.29 -13.21 -19.67
C GLY A 59 2.22 -12.02 -19.50
N ALA A 60 2.19 -11.10 -20.46
CA ALA A 60 3.00 -9.88 -20.42
C ALA A 60 2.28 -8.75 -19.68
N ASN A 61 0.94 -8.80 -19.65
CA ASN A 61 0.12 -7.71 -19.14
C ASN A 61 -0.94 -8.18 -18.14
N PRO A 62 -0.50 -8.75 -17.00
CA PRO A 62 -1.45 -9.31 -16.03
C PRO A 62 -2.33 -8.27 -15.32
N ASP A 63 -1.97 -6.99 -15.40
CA ASP A 63 -2.74 -5.91 -14.78
C ASP A 63 -3.88 -5.39 -15.68
N PHE A 64 -4.00 -5.97 -16.88
CA PHE A 64 -5.12 -5.70 -17.78
C PHE A 64 -6.37 -6.43 -17.25
N ALA A 65 -7.01 -5.81 -16.25
CA ALA A 65 -8.09 -6.39 -15.48
C ALA A 65 -9.28 -6.90 -16.31
N THR A 66 -9.67 -6.13 -17.33
CA THR A 66 -10.85 -6.52 -18.12
C THR A 66 -10.66 -7.88 -18.79
N LEU A 67 -9.43 -8.25 -19.16
CA LEU A 67 -9.20 -9.58 -19.72
C LEU A 67 -9.37 -10.72 -18.69
N TRP A 68 -9.01 -10.50 -17.43
CA TRP A 68 -9.29 -11.50 -16.41
C TRP A 68 -10.79 -11.70 -16.26
N ASN A 69 -11.55 -10.60 -16.33
CA ASN A 69 -13.00 -10.65 -16.31
C ASN A 69 -13.54 -11.47 -17.49
N CYS A 70 -12.97 -11.26 -18.67
CA CYS A 70 -13.34 -12.04 -19.85
C CYS A 70 -13.13 -13.56 -19.65
N ARG A 71 -12.00 -13.93 -19.05
CA ARG A 71 -11.71 -15.34 -18.82
C ARG A 71 -12.76 -15.96 -17.90
N ARG A 72 -13.05 -15.26 -16.81
CA ARG A 72 -14.09 -15.69 -15.87
C ARG A 72 -15.46 -15.84 -16.52
N GLU A 73 -15.83 -14.89 -17.38
CA GLU A 73 -17.10 -14.97 -18.09
C GLU A 73 -17.11 -16.18 -19.01
N VAL A 74 -15.99 -16.41 -19.70
CA VAL A 74 -15.84 -17.62 -20.54
C VAL A 74 -15.95 -18.88 -19.69
N LEU A 75 -15.18 -18.99 -18.61
CA LEU A 75 -15.20 -20.20 -17.78
C LEU A 75 -16.59 -20.45 -17.20
N GLN A 76 -17.25 -19.40 -16.74
CA GLN A 76 -18.61 -19.50 -16.24
C GLN A 76 -19.58 -20.04 -17.31
N HIS A 77 -19.47 -19.50 -18.52
CA HIS A 77 -20.33 -19.95 -19.61
C HIS A 77 -20.04 -21.39 -20.02
N LEU A 78 -18.76 -21.73 -20.17
CA LEU A 78 -18.36 -23.09 -20.52
C LEU A 78 -18.84 -24.11 -19.50
N GLU A 79 -18.81 -23.76 -18.21
CA GLU A 79 -19.32 -24.63 -17.14
C GLU A 79 -20.77 -25.07 -17.39
N THR A 80 -21.57 -24.21 -18.03
CA THR A 80 -22.98 -24.52 -18.31
C THR A 80 -23.12 -25.57 -19.42
N GLU A 81 -22.34 -25.43 -20.48
CA GLU A 81 -22.42 -26.36 -21.62
C GLU A 81 -21.23 -27.31 -21.73
N LYS A 82 -20.83 -27.90 -20.60
CA LYS A 82 -19.78 -28.93 -20.59
C LYS A 82 -20.01 -29.97 -19.51
N SER A 83 -19.45 -31.16 -19.74
CA SER A 83 -19.56 -32.25 -18.78
C SER A 83 -18.67 -31.95 -17.59
N PRO A 84 -18.98 -32.57 -16.43
CA PRO A 84 -18.10 -32.41 -15.28
C PRO A 84 -16.62 -32.56 -15.62
N GLU A 85 -16.27 -33.63 -16.35
CA GLU A 85 -14.85 -33.93 -16.61
C GLU A 85 -14.23 -32.93 -17.61
N GLU A 86 -15.04 -32.44 -18.55
CA GLU A 86 -14.63 -31.32 -19.40
C GLU A 86 -14.39 -30.01 -18.61
N SER A 87 -15.23 -29.75 -17.61
CA SER A 87 -15.07 -28.56 -16.75
C SER A 87 -13.84 -28.70 -15.85
N ALA A 88 -13.62 -29.92 -15.36
CA ALA A 88 -12.44 -30.23 -14.56
C ALA A 88 -11.13 -30.02 -15.32
N ALA A 89 -11.12 -30.38 -16.61
CA ALA A 89 -9.94 -30.18 -17.46
C ALA A 89 -9.62 -28.69 -17.63
N LEU A 90 -10.66 -27.88 -17.87
CA LEU A 90 -10.51 -26.44 -17.96
C LEU A 90 -9.94 -25.84 -16.69
N VAL A 91 -10.41 -26.31 -15.54
CA VAL A 91 -9.92 -25.82 -14.25
C VAL A 91 -8.43 -26.10 -14.09
N LYS A 92 -8.02 -27.31 -14.43
CA LYS A 92 -6.61 -27.70 -14.25
C LYS A 92 -5.71 -26.93 -15.21
N ALA A 93 -6.22 -26.65 -16.40
CA ALA A 93 -5.52 -25.83 -17.37
C ALA A 93 -5.43 -24.38 -16.87
N GLU A 94 -6.46 -23.94 -16.14
CA GLU A 94 -6.46 -22.57 -15.59
C GLU A 94 -5.45 -22.45 -14.47
N LEU A 95 -5.36 -23.49 -13.65
CA LEU A 95 -4.38 -23.51 -12.58
C LEU A 95 -2.96 -23.41 -13.13
N GLY A 96 -2.68 -24.17 -14.19
CA GLY A 96 -1.36 -24.15 -14.82
C GLY A 96 -1.05 -22.79 -15.44
N PHE A 97 -2.05 -22.21 -16.10
CA PHE A 97 -1.91 -20.90 -16.70
C PHE A 97 -1.57 -19.87 -15.64
N LEU A 98 -2.31 -19.88 -14.55
CA LEU A 98 -2.08 -18.95 -13.45
C LEU A 98 -0.69 -19.13 -12.82
N GLU A 99 -0.25 -20.36 -12.64
CA GLU A 99 1.10 -20.61 -12.09
C GLU A 99 2.17 -20.04 -12.99
N SER A 100 2.01 -20.21 -14.31
CA SER A 100 2.99 -19.67 -15.26
CA SER A 100 2.97 -19.67 -15.28
C SER A 100 2.99 -18.14 -15.23
N CYS A 101 1.80 -17.54 -15.10
CA CYS A 101 1.68 -16.08 -15.01
C CYS A 101 2.34 -15.56 -13.75
N LEU A 102 2.12 -16.26 -12.63
CA LEU A 102 2.72 -15.87 -11.35
C LEU A 102 4.25 -15.93 -11.35
N ARG A 103 4.82 -16.92 -12.05
CA ARG A 103 6.27 -17.01 -12.21
C ARG A 103 6.84 -15.76 -12.90
N VAL A 104 6.10 -15.22 -13.87
CA VAL A 104 6.56 -14.06 -14.62
C VAL A 104 6.35 -12.78 -13.82
N ASN A 105 5.15 -12.59 -13.28
CA ASN A 105 4.86 -11.46 -12.40
C ASN A 105 4.19 -11.89 -11.11
N PRO A 106 4.99 -12.19 -10.08
CA PRO A 106 4.44 -12.65 -8.80
C PRO A 106 3.72 -11.62 -7.93
N LYS A 107 3.58 -10.38 -8.39
CA LYS A 107 3.00 -9.32 -7.55
C LYS A 107 1.76 -8.67 -8.18
N SER A 108 1.17 -9.30 -9.19
CA SER A 108 0.00 -8.71 -9.84
C SER A 108 -1.26 -9.07 -9.07
N TYR A 109 -2.03 -8.06 -8.67
CA TYR A 109 -3.29 -8.25 -7.96
C TYR A 109 -4.26 -9.07 -8.77
N GLY A 110 -4.30 -8.82 -10.08
CA GLY A 110 -5.26 -9.49 -10.96
C GLY A 110 -5.08 -11.01 -10.98
N THR A 111 -3.84 -11.44 -11.07
CA THR A 111 -3.50 -12.85 -11.13
C THR A 111 -3.85 -13.59 -9.84
N TRP A 112 -3.44 -13.05 -8.71
CA TRP A 112 -3.76 -13.65 -7.41
C TRP A 112 -5.27 -13.71 -7.17
N HIS A 113 -6.00 -12.67 -7.57
CA HIS A 113 -7.45 -12.65 -7.38
C HIS A 113 -8.15 -13.66 -8.25
N HIS A 114 -7.69 -13.84 -9.48
CA HIS A 114 -8.28 -14.83 -10.35
C HIS A 114 -8.11 -16.22 -9.77
N ARG A 115 -6.93 -16.48 -9.20
CA ARG A 115 -6.67 -17.75 -8.54
C ARG A 115 -7.61 -17.97 -7.35
N CYS A 116 -7.78 -16.94 -6.53
CA CYS A 116 -8.71 -16.97 -5.41
CA CYS A 116 -8.72 -16.95 -5.41
C CYS A 116 -10.14 -17.23 -5.89
N TRP A 117 -10.56 -16.50 -6.92
CA TRP A 117 -11.90 -16.68 -7.51
C TRP A 117 -12.08 -18.13 -7.95
N LEU A 118 -11.08 -18.68 -8.64
CA LEU A 118 -11.12 -20.06 -9.14
C LEU A 118 -11.23 -21.08 -8.02
N LEU A 119 -10.32 -20.98 -7.04
CA LEU A 119 -10.27 -21.95 -5.93
C LEU A 119 -11.55 -21.89 -5.08
N SER A 120 -12.16 -20.71 -5.00
CA SER A 120 -13.33 -20.50 -4.14
CA SER A 120 -13.33 -20.52 -4.14
C SER A 120 -14.59 -21.16 -4.71
N ARG A 121 -14.59 -21.48 -6.00
CA ARG A 121 -15.76 -22.08 -6.64
C ARG A 121 -15.60 -23.58 -6.96
N LEU A 122 -14.42 -24.13 -6.73
CA LEU A 122 -14.15 -25.56 -6.95
C LEU A 122 -14.88 -26.46 -5.94
N PRO A 123 -15.41 -27.57 -6.41
CA PRO A 123 -16.09 -28.54 -5.54
C PRO A 123 -15.10 -29.22 -4.60
N GLU A 124 -14.00 -29.74 -5.13
CA GLU A 124 -12.96 -30.31 -4.31
C GLU A 124 -11.60 -29.68 -4.56
N PRO A 125 -11.33 -28.53 -3.95
CA PRO A 125 -10.01 -27.94 -4.10
C PRO A 125 -8.94 -28.70 -3.34
N ASN A 126 -7.72 -28.67 -3.84
CA ASN A 126 -6.58 -29.23 -3.15
C ASN A 126 -5.79 -28.12 -2.44
N TRP A 127 -6.20 -27.80 -1.21
CA TRP A 127 -5.59 -26.72 -0.44
C TRP A 127 -4.14 -27.01 0.00
N ALA A 128 -3.81 -28.28 0.23
CA ALA A 128 -2.45 -28.63 0.65
C ALA A 128 -1.45 -28.29 -0.47
N ARG A 129 -1.86 -28.51 -1.69
CA ARG A 129 -1.10 -28.15 -2.87
C ARG A 129 -0.93 -26.62 -3.00
N GLU A 130 -2.00 -25.89 -2.66
CA GLU A 130 -1.96 -24.44 -2.68
C GLU A 130 -1.05 -23.88 -1.60
N LEU A 131 -1.03 -24.51 -0.43
CA LEU A 131 -0.11 -24.11 0.64
C LEU A 131 1.34 -24.31 0.23
N GLU A 132 1.58 -25.35 -0.55
CA GLU A 132 2.91 -25.68 -1.02
C GLU A 132 3.38 -24.67 -2.07
N LEU A 133 2.47 -24.29 -2.97
CA LEU A 133 2.72 -23.19 -3.89
C LEU A 133 3.14 -21.95 -3.13
N CYS A 134 2.46 -21.66 -2.02
CA CYS A 134 2.83 -20.50 -1.20
C CYS A 134 4.22 -20.63 -0.59
N ALA A 135 4.51 -21.78 0.03
CA ALA A 135 5.84 -22.07 0.52
C ALA A 135 6.94 -21.81 -0.53
N ARG A 136 6.69 -22.25 -1.77
CA ARG A 136 7.64 -22.09 -2.86
CA ARG A 136 7.65 -22.09 -2.84
C ARG A 136 7.82 -20.63 -3.23
N PHE A 137 6.71 -19.90 -3.40
CA PHE A 137 6.82 -18.49 -3.77
C PHE A 137 7.46 -17.67 -2.65
N LEU A 138 7.20 -18.05 -1.40
CA LEU A 138 7.83 -17.38 -0.24
C LEU A 138 9.32 -17.73 -0.09
N GLU A 139 9.74 -18.88 -0.62
CA GLU A 139 11.17 -19.19 -0.72
C GLU A 139 11.89 -18.23 -1.65
N ALA A 140 11.25 -17.86 -2.75
CA ALA A 140 11.80 -16.91 -3.71
C ALA A 140 11.76 -15.47 -3.17
N ASP A 141 10.63 -15.10 -2.55
CA ASP A 141 10.47 -13.75 -2.02
C ASP A 141 9.65 -13.80 -0.74
N GLU A 142 10.37 -13.79 0.39
CA GLU A 142 9.74 -13.94 1.70
C GLU A 142 8.96 -12.70 2.14
N ARG A 143 9.04 -11.63 1.35
CA ARG A 143 8.31 -10.37 1.61
C ARG A 143 7.11 -10.15 0.69
N ASN A 144 6.76 -11.14 -0.14
CA ASN A 144 5.66 -10.99 -1.09
C ASN A 144 4.32 -11.02 -0.38
N PHE A 145 3.72 -9.85 -0.13
CA PHE A 145 2.51 -9.80 0.68
C PHE A 145 1.30 -10.39 -0.03
N HIS A 146 1.30 -10.40 -1.36
CA HIS A 146 0.24 -11.03 -2.14
C HIS A 146 0.21 -12.52 -1.84
N CYS A 147 1.39 -13.12 -1.79
CA CYS A 147 1.51 -14.54 -1.50
C CYS A 147 1.12 -14.84 -0.06
N TRP A 148 1.63 -14.06 0.89
CA TRP A 148 1.25 -14.24 2.29
C TRP A 148 -0.26 -14.12 2.51
N ASP A 149 -0.88 -13.15 1.85
CA ASP A 149 -2.32 -12.98 1.91
C ASP A 149 -3.03 -14.19 1.30
N TYR A 150 -2.52 -14.69 0.17
CA TYR A 150 -3.10 -15.88 -0.45
C TYR A 150 -2.95 -17.10 0.47
N ARG A 151 -1.79 -17.23 1.10
CA ARG A 151 -1.55 -18.32 2.06
C ARG A 151 -2.55 -18.29 3.20
N ARG A 152 -2.80 -17.11 3.76
CA ARG A 152 -3.82 -16.94 4.83
C ARG A 152 -5.21 -17.38 4.39
N PHE A 153 -5.59 -16.97 3.18
CA PHE A 153 -6.83 -17.40 2.55
C PHE A 153 -6.89 -18.94 2.49
N VAL A 154 -5.87 -19.55 1.94
CA VAL A 154 -5.80 -21.01 1.86
C VAL A 154 -5.84 -21.63 3.27
N ALA A 155 -5.05 -21.10 4.20
CA ALA A 155 -5.00 -21.60 5.57
C ALA A 155 -6.37 -21.55 6.24
N ALA A 156 -7.13 -20.49 5.95
CA ALA A 156 -8.48 -20.33 6.47
C ALA A 156 -9.41 -21.40 5.88
N GLN A 157 -9.34 -21.58 4.56
CA GLN A 157 -10.22 -22.55 3.87
C GLN A 157 -9.93 -23.98 4.30
N ALA A 158 -8.64 -24.32 4.44
CA ALA A 158 -8.24 -25.64 4.90
C ALA A 158 -8.35 -25.76 6.42
N ALA A 159 -8.78 -24.69 7.10
CA ALA A 159 -8.86 -24.64 8.53
C ALA A 159 -7.56 -25.11 9.21
N VAL A 160 -6.43 -24.61 8.71
CA VAL A 160 -5.13 -24.87 9.31
C VAL A 160 -5.02 -24.05 10.60
N ALA A 161 -4.47 -24.65 11.65
CA ALA A 161 -4.46 -24.03 12.98
C ALA A 161 -3.36 -22.99 13.13
N PRO A 162 -3.63 -21.92 13.89
CA PRO A 162 -2.60 -20.92 14.18
C PRO A 162 -1.27 -21.53 14.64
N ALA A 163 -1.35 -22.57 15.47
CA ALA A 163 -0.17 -23.26 15.95
C ALA A 163 0.68 -23.78 14.79
N GLU A 164 0.03 -24.37 13.78
CA GLU A 164 0.74 -24.90 12.61
C GLU A 164 1.43 -23.77 11.83
N GLU A 165 0.72 -22.63 11.66
CA GLU A 165 1.29 -21.46 10.99
C GLU A 165 2.40 -20.82 11.80
N LEU A 166 2.31 -20.92 13.13
CA LEU A 166 3.33 -20.38 14.02
C LEU A 166 4.67 -21.11 13.84
N ALA A 167 4.59 -22.43 13.68
CA ALA A 167 5.76 -23.26 13.36
C ALA A 167 6.39 -22.85 12.03
N PHE A 168 5.55 -22.55 11.04
CA PHE A 168 6.00 -22.10 9.74
C PHE A 168 6.83 -20.82 9.85
N THR A 169 6.34 -19.85 10.63
CA THR A 169 7.02 -18.57 10.78
C THR A 169 8.38 -18.72 11.48
N ASP A 170 8.50 -19.64 12.43
CA ASP A 170 9.78 -19.89 13.11
CA ASP A 170 9.77 -19.95 13.11
C ASP A 170 10.86 -20.28 12.10
N SER A 171 10.60 -21.31 11.29
CA SER A 171 11.56 -21.79 10.31
C SER A 171 11.99 -20.66 9.41
N LEU A 172 11.03 -19.84 8.98
CA LEU A 172 11.36 -18.74 8.07
C LEU A 172 12.27 -17.69 8.74
N ILE A 173 12.02 -17.41 10.01
CA ILE A 173 12.76 -16.39 10.75
C ILE A 173 14.21 -16.79 11.03
N THR A 174 14.42 -18.04 11.43
CA THR A 174 15.77 -18.51 11.80
C THR A 174 16.64 -18.89 10.58
N ARG A 175 16.03 -19.41 9.53
CA ARG A 175 16.78 -19.87 8.34
C ARG A 175 17.48 -18.73 7.56
N ASN A 176 16.88 -17.56 7.58
CA ASN A 176 17.47 -16.37 6.96
C ASN A 176 16.75 -15.08 7.35
N PHE A 177 17.24 -13.93 6.91
CA PHE A 177 16.76 -12.65 7.43
C PHE A 177 15.81 -11.72 6.66
N SER A 178 14.92 -12.15 5.81
CA SER A 178 14.06 -11.06 5.33
C SER A 178 12.73 -11.11 6.08
N ASN A 179 12.73 -10.66 7.34
CA ASN A 179 11.82 -11.24 8.32
C ASN A 179 10.61 -10.39 8.68
N TYR A 180 10.49 -9.17 8.15
CA TYR A 180 9.36 -8.33 8.58
C TYR A 180 8.03 -9.02 8.37
N SER A 181 7.85 -9.70 7.24
CA SER A 181 6.59 -10.31 6.91
C SER A 181 6.28 -11.48 7.84
N SER A 182 7.32 -12.26 8.20
CA SER A 182 7.15 -13.36 9.15
CA SER A 182 7.15 -13.36 9.14
C SER A 182 6.81 -12.87 10.56
N TRP A 183 7.52 -11.84 11.04
CA TRP A 183 7.18 -11.27 12.35
C TRP A 183 5.77 -10.70 12.35
N HIS A 184 5.39 -10.04 11.26
CA HIS A 184 4.04 -9.48 11.20
C HIS A 184 3.00 -10.61 11.38
N TYR A 185 3.22 -11.73 10.70
CA TYR A 185 2.30 -12.87 10.75
C TYR A 185 2.19 -13.42 12.16
N ARG A 186 3.32 -13.60 12.84
CA ARG A 186 3.34 -13.96 14.26
C ARG A 186 2.51 -13.02 15.11
N SER A 187 2.64 -11.72 14.87
CA SER A 187 1.88 -10.72 15.64
C SER A 187 0.37 -10.94 15.53
N CYS A 188 -0.10 -11.53 14.43
CA CYS A 188 -1.53 -11.82 14.22
C CYS A 188 -1.93 -13.20 14.70
N LEU A 189 -1.01 -14.15 14.65
CA LEU A 189 -1.23 -15.52 15.10
C LEU A 189 -1.22 -15.64 16.64
N LEU A 190 -0.25 -15.01 17.27
CA LEU A 190 -0.11 -15.12 18.73
C LEU A 190 -1.40 -14.79 19.48
N PRO A 191 -2.02 -13.63 19.20
CA PRO A 191 -3.34 -13.31 19.74
C PRO A 191 -4.44 -14.36 19.51
N GLN A 192 -4.36 -15.10 18.39
CA GLN A 192 -5.37 -16.12 18.09
C GLN A 192 -5.24 -17.35 18.97
N LEU A 193 -4.03 -17.65 19.41
CA LEU A 193 -3.80 -18.78 20.32
C LEU A 193 -4.31 -18.48 21.73
N HIS A 194 -4.41 -17.19 22.05
CA HIS A 194 -4.83 -16.74 23.37
C HIS A 194 -5.82 -15.59 23.18
N PRO A 195 -7.01 -15.91 22.62
CA PRO A 195 -7.93 -14.88 22.17
C PRO A 195 -8.83 -14.34 23.28
N GLN A 196 -8.51 -13.15 23.77
CA GLN A 196 -9.37 -12.43 24.69
C GLN A 196 -10.33 -11.56 23.88
N PRO A 197 -11.43 -11.07 24.50
CA PRO A 197 -12.43 -10.33 23.72
C PRO A 197 -11.98 -8.91 23.41
N ARG A 204 -2.65 -7.83 23.81
CA ARG A 204 -2.40 -7.95 25.26
C ARG A 204 -2.09 -9.41 25.67
N LEU A 205 -0.90 -9.89 25.29
CA LEU A 205 -0.53 -11.30 25.46
C LEU A 205 -0.33 -11.72 26.92
N PRO A 206 -0.64 -13.00 27.24
CA PRO A 206 -0.24 -13.63 28.50
C PRO A 206 1.27 -13.50 28.75
N GLU A 207 1.66 -13.28 30.00
CA GLU A 207 3.06 -13.00 30.28
C GLU A 207 4.03 -14.10 29.85
N ASN A 208 3.69 -15.37 30.12
CA ASN A 208 4.52 -16.51 29.72
CA ASN A 208 4.59 -16.45 29.73
C ASN A 208 4.79 -16.53 28.21
N VAL A 209 3.76 -16.20 27.43
CA VAL A 209 3.86 -16.16 25.97
C VAL A 209 4.74 -14.97 25.55
N LEU A 210 4.47 -13.82 26.17
CA LEU A 210 5.28 -12.63 25.97
C LEU A 210 6.75 -12.90 26.25
N LEU A 211 7.03 -13.50 27.42
CA LEU A 211 8.41 -13.81 27.81
C LEU A 211 9.12 -14.68 26.77
N LYS A 212 8.43 -15.66 26.21
CA LYS A 212 9.01 -16.51 25.17
C LYS A 212 9.27 -15.75 23.87
N GLU A 213 8.37 -14.82 23.53
CA GLU A 213 8.54 -13.98 22.33
C GLU A 213 9.73 -13.04 22.49
N LEU A 214 9.86 -12.47 23.68
CA LEU A 214 10.98 -11.60 23.98
C LEU A 214 12.30 -12.33 23.82
N GLU A 215 12.35 -13.58 24.23
CA GLU A 215 13.58 -14.37 24.11
C GLU A 215 13.86 -14.61 22.63
N LEU A 216 12.81 -14.98 21.88
CA LEU A 216 12.97 -15.24 20.46
C LEU A 216 13.44 -14.00 19.71
N VAL A 217 12.81 -12.85 19.96
CA VAL A 217 13.16 -11.64 19.21
C VAL A 217 14.53 -11.09 19.61
N GLN A 218 14.88 -11.23 20.88
CA GLN A 218 16.19 -10.83 21.38
C GLN A 218 17.31 -11.60 20.67
N ASN A 219 17.13 -12.92 20.52
CA ASN A 219 18.04 -13.76 19.72
CA ASN A 219 18.05 -13.73 19.74
C ASN A 219 18.20 -13.20 18.32
N ALA A 220 17.09 -12.78 17.71
CA ALA A 220 17.12 -12.25 16.34
C ALA A 220 17.98 -11.00 16.23
N PHE A 221 17.71 -9.99 17.07
CA PHE A 221 18.43 -8.74 16.90
C PHE A 221 19.85 -8.71 17.48
N PHE A 222 20.23 -9.75 18.21
CA PHE A 222 21.65 -9.91 18.57
C PHE A 222 22.38 -10.73 17.51
N THR A 223 21.67 -11.63 16.85
CA THR A 223 22.21 -12.35 15.68
C THR A 223 22.46 -11.36 14.54
N ASP A 224 21.46 -10.55 14.22
CA ASP A 224 21.60 -9.47 13.24
C ASP A 224 21.06 -8.15 13.82
N PRO A 225 21.94 -7.36 14.48
CA PRO A 225 21.57 -6.05 15.03
C PRO A 225 21.09 -5.03 14.00
N ASN A 226 21.38 -5.27 12.72
CA ASN A 226 20.84 -4.44 11.64
C ASN A 226 19.45 -4.89 11.16
N ASP A 227 18.95 -5.96 11.75
CA ASP A 227 17.64 -6.45 11.36
C ASP A 227 16.55 -5.58 11.97
N GLN A 228 16.02 -4.63 11.19
CA GLN A 228 15.06 -3.70 11.76
C GLN A 228 13.73 -4.37 12.15
N SER A 229 13.36 -5.46 11.48
CA SER A 229 12.09 -6.12 11.75
C SER A 229 11.98 -6.62 13.19
N ALA A 230 13.06 -7.17 13.73
CA ALA A 230 13.06 -7.63 15.11
C ALA A 230 12.87 -6.46 16.09
N TRP A 231 13.52 -5.33 15.81
CA TRP A 231 13.42 -4.15 16.69
C TRP A 231 12.01 -3.58 16.70
N PHE A 232 11.33 -3.59 15.55
CA PHE A 232 9.94 -3.11 15.45
C PHE A 232 9.01 -4.05 16.21
N TYR A 233 9.25 -5.34 16.06
CA TYR A 233 8.44 -6.34 16.70
C TYR A 233 8.67 -6.29 18.22
N HIS A 234 9.92 -6.07 18.62
CA HIS A 234 10.27 -5.93 20.04
C HIS A 234 9.58 -4.73 20.67
N ARG A 235 9.49 -3.60 19.96
CA ARG A 235 8.77 -2.44 20.51
C ARG A 235 7.32 -2.80 20.82
N TRP A 236 6.67 -3.52 19.91
CA TRP A 236 5.33 -4.04 20.14
C TRP A 236 5.22 -4.90 21.40
N LEU A 237 6.18 -5.80 21.61
CA LEU A 237 6.17 -6.66 22.79
C LEU A 237 6.31 -5.86 24.10
N LEU A 238 7.12 -4.80 24.05
CA LEU A 238 7.31 -3.90 25.20
C LEU A 238 6.03 -3.17 25.58
N GLY A 239 5.10 -3.00 24.65
CA GLY A 239 3.76 -2.51 24.97
C GLY A 239 2.71 -3.59 25.25
N ALA A 240 2.96 -4.83 24.80
CA ALA A 240 1.92 -5.88 24.73
C ALA A 240 1.73 -6.69 26.01
N GLY A 241 1.85 -6.04 27.17
CA GLY A 241 1.70 -6.72 28.46
C GLY A 241 2.41 -5.97 29.57
N GLU A 246 3.63 -2.89 37.92
CA GLU A 246 3.00 -4.20 37.94
C GLU A 246 3.99 -5.31 37.54
N LEU A 247 5.27 -4.97 37.36
CA LEU A 247 6.25 -5.94 36.88
C LEU A 247 6.47 -7.09 37.86
N SER A 248 6.33 -8.32 37.35
CA SER A 248 6.74 -9.52 38.08
C SER A 248 8.24 -9.48 38.33
N VAL A 249 8.73 -10.31 39.24
CA VAL A 249 10.17 -10.40 39.42
C VAL A 249 10.82 -10.96 38.14
N GLU A 250 10.17 -11.90 37.47
CA GLU A 250 10.77 -12.49 36.28
C GLU A 250 10.82 -11.52 35.09
N LYS A 251 9.73 -10.79 34.86
CA LYS A 251 9.68 -9.81 33.77
C LYS A 251 10.61 -8.65 34.05
N SER A 252 10.61 -8.17 35.29
CA SER A 252 11.54 -7.14 35.73
C SER A 252 12.98 -7.58 35.44
N THR A 253 13.31 -8.81 35.82
CA THR A 253 14.65 -9.35 35.63
C THR A 253 15.00 -9.54 34.14
N VAL A 254 14.04 -10.01 33.37
CA VAL A 254 14.23 -10.18 31.92
C VAL A 254 14.51 -8.83 31.25
N LEU A 255 13.67 -7.85 31.58
CA LEU A 255 13.83 -6.50 31.03
C LEU A 255 15.17 -5.87 31.42
N GLN A 256 15.56 -6.00 32.69
CA GLN A 256 16.89 -5.53 33.13
C GLN A 256 18.00 -6.21 32.34
N SER A 257 17.83 -7.50 32.07
CA SER A 257 18.82 -8.26 31.34
C SER A 257 18.94 -7.77 29.90
N GLU A 258 17.78 -7.49 29.29
CA GLU A 258 17.75 -6.91 27.95
C GLU A 258 18.45 -5.56 27.91
N LEU A 259 18.21 -4.76 28.96
CA LEU A 259 18.83 -3.44 29.05
C LEU A 259 20.37 -3.59 28.99
N GLU A 260 20.93 -4.44 29.84
CA GLU A 260 22.39 -4.62 29.86
C GLU A 260 22.93 -5.18 28.56
N SER A 261 22.18 -6.10 27.96
CA SER A 261 22.57 -6.68 26.68
C SER A 261 22.60 -5.62 25.56
N CYS A 262 21.65 -4.70 25.58
CA CYS A 262 21.61 -3.61 24.59
C CYS A 262 22.78 -2.64 24.79
N LYS A 263 23.16 -2.39 26.04
CA LYS A 263 24.36 -1.58 26.34
C LYS A 263 25.63 -2.25 25.81
N GLU A 264 25.69 -3.58 25.91
CA GLU A 264 26.80 -4.36 25.38
C GLU A 264 26.88 -4.16 23.86
N LEU A 265 25.74 -4.28 23.20
CA LEU A 265 25.64 -4.09 21.75
C LEU A 265 26.02 -2.68 21.35
N GLN A 266 25.57 -1.70 22.15
CA GLN A 266 25.92 -0.31 21.93
C GLN A 266 27.44 -0.07 21.86
N GLU A 267 28.21 -0.81 22.67
CA GLU A 267 29.68 -0.77 22.61
C GLU A 267 30.20 -1.37 21.30
N LEU A 268 29.62 -2.50 20.91
CA LEU A 268 30.03 -3.22 19.69
C LEU A 268 29.60 -2.51 18.40
N GLU A 269 28.46 -1.81 18.45
CA GLU A 269 27.92 -1.10 17.28
C GLU A 269 27.41 0.30 17.70
N PRO A 270 28.33 1.25 17.93
CA PRO A 270 27.94 2.57 18.48
C PRO A 270 27.11 3.46 17.54
N GLU A 271 27.13 3.16 16.25
CA GLU A 271 26.26 3.84 15.29
C GLU A 271 24.89 3.15 15.11
N ASN A 272 24.60 2.10 15.87
CA ASN A 272 23.33 1.38 15.74
C ASN A 272 22.23 2.11 16.49
N LYS A 273 21.33 2.73 15.74
CA LYS A 273 20.30 3.57 16.36
C LYS A 273 19.18 2.74 17.03
N TRP A 274 18.94 1.54 16.51
CA TRP A 274 17.85 0.71 17.00
C TRP A 274 18.09 0.29 18.43
N CYS A 275 19.35 0.03 18.75
CA CYS A 275 19.69 -0.43 20.10
CA CYS A 275 19.75 -0.41 20.08
C CYS A 275 19.57 0.73 21.08
N LEU A 276 19.91 1.95 20.64
CA LEU A 276 19.81 3.14 21.49
C LEU A 276 18.37 3.46 21.82
N LEU A 277 17.51 3.38 20.81
CA LEU A 277 16.09 3.68 21.02
C LEU A 277 15.49 2.64 21.96
N THR A 278 15.88 1.39 21.76
CA THR A 278 15.38 0.27 22.57
C THR A 278 15.83 0.37 24.05
N ILE A 279 17.03 0.86 24.27
CA ILE A 279 17.50 1.19 25.63
C ILE A 279 16.58 2.22 26.32
N ILE A 280 16.21 3.27 25.61
CA ILE A 280 15.26 4.27 26.12
C ILE A 280 13.92 3.65 26.47
N LEU A 281 13.39 2.85 25.54
CA LEU A 281 12.11 2.16 25.72
C LEU A 281 12.09 1.16 26.87
N LEU A 282 13.21 0.46 27.04
CA LEU A 282 13.35 -0.47 28.14
C LEU A 282 13.30 0.27 29.46
N MET A 283 14.02 1.40 29.55
CA MET A 283 14.01 2.20 30.78
C MET A 283 12.61 2.73 31.11
N ARG A 284 11.90 3.18 30.08
CA ARG A 284 10.47 3.53 30.20
C ARG A 284 9.62 2.40 30.76
N ALA A 285 9.86 1.19 30.25
CA ALA A 285 9.13 0.02 30.68
C ALA A 285 9.50 -0.34 32.11
N LEU A 286 10.70 0.05 32.53
CA LEU A 286 11.21 -0.33 33.85
C LEU A 286 10.82 0.65 34.95
N ASP A 287 11.20 1.92 34.78
CA ASP A 287 10.95 2.95 35.80
C ASP A 287 11.27 4.32 35.22
N PRO A 288 10.27 4.98 34.61
CA PRO A 288 10.42 6.26 33.94
C PRO A 288 11.18 7.30 34.75
N LEU A 289 10.80 7.49 36.01
CA LEU A 289 11.42 8.52 36.84
C LEU A 289 12.81 8.14 37.34
N LEU A 290 13.00 6.89 37.77
CA LEU A 290 14.33 6.47 38.23
C LEU A 290 15.39 6.58 37.12
N TYR A 291 14.98 6.32 35.87
CA TYR A 291 15.89 6.36 34.73
C TYR A 291 15.81 7.68 33.93
N GLU A 292 15.25 8.74 34.53
CA GLU A 292 15.09 9.99 33.81
C GLU A 292 16.41 10.53 33.31
N LYS A 293 17.42 10.54 34.18
CA LYS A 293 18.74 11.06 33.84
C LYS A 293 19.32 10.33 32.62
N GLU A 294 19.25 8.99 32.67
CA GLU A 294 19.86 8.16 31.63
C GLU A 294 19.08 8.27 30.31
N THR A 295 17.76 8.32 30.43
CA THR A 295 16.84 8.51 29.28
C THR A 295 17.20 9.76 28.49
N LEU A 296 17.38 10.88 29.22
CA LEU A 296 17.75 12.14 28.59
C LEU A 296 19.14 12.09 27.93
N GLN A 297 20.10 11.43 28.56
CA GLN A 297 21.42 11.22 27.97
C GLN A 297 21.32 10.39 26.70
N TYR A 298 20.57 9.30 26.74
CA TYR A 298 20.36 8.48 25.56
C TYR A 298 19.67 9.22 24.41
N PHE A 299 18.73 10.13 24.72
CA PHE A 299 18.13 10.95 23.66
C PHE A 299 19.18 11.77 22.94
N SER A 300 20.10 12.40 23.67
CA SER A 300 21.13 13.22 23.07
C SER A 300 22.00 12.41 22.11
N THR A 301 22.49 11.27 22.59
CA THR A 301 23.29 10.34 21.79
C THR A 301 22.56 9.87 20.55
N LEU A 302 21.32 9.44 20.75
CA LEU A 302 20.52 8.91 19.66
C LEU A 302 20.26 9.92 18.54
N LYS A 303 19.97 11.18 18.89
CA LYS A 303 19.78 12.22 17.88
C LYS A 303 21.05 12.46 17.08
N ALA A 304 22.21 12.35 17.74
CA ALA A 304 23.49 12.46 17.05
C ALA A 304 23.71 11.29 16.09
N VAL A 305 23.28 10.09 16.46
CA VAL A 305 23.47 8.92 15.63
C VAL A 305 22.42 8.86 14.50
N ASP A 306 21.23 9.39 14.74
CA ASP A 306 20.10 9.31 13.79
C ASP A 306 19.48 10.69 13.56
N PRO A 307 20.26 11.64 12.99
CA PRO A 307 19.81 13.03 12.88
C PRO A 307 18.52 13.21 12.07
N MET A 308 18.22 12.32 11.13
CA MET A 308 16.97 12.45 10.36
C MET A 308 15.72 12.29 11.24
N ARG A 309 15.86 11.62 12.38
CA ARG A 309 14.74 11.36 13.26
C ARG A 309 14.71 12.35 14.43
N ALA A 310 15.49 13.44 14.34
CA ALA A 310 15.64 14.37 15.46
C ALA A 310 14.30 14.95 15.91
N ALA A 311 13.45 15.31 14.95
CA ALA A 311 12.16 15.92 15.26
C ALA A 311 11.21 14.92 15.92
N TYR A 312 11.23 13.69 15.44
CA TYR A 312 10.52 12.61 16.08
C TYR A 312 11.01 12.39 17.51
N LEU A 313 12.33 12.32 17.67
CA LEU A 313 12.94 12.03 18.97
C LEU A 313 12.69 13.13 20.02
N ASP A 314 12.68 14.38 19.58
CA ASP A 314 12.26 15.48 20.43
C ASP A 314 10.82 15.38 20.87
N ASP A 315 9.93 14.98 19.97
CA ASP A 315 8.51 14.85 20.32
C ASP A 315 8.29 13.66 21.27
N LEU A 316 9.04 12.58 21.05
CA LEU A 316 9.00 11.43 21.96
C LEU A 316 9.53 11.80 23.33
N ARG A 317 10.64 12.52 23.37
CA ARG A 317 11.21 12.98 24.63
C ARG A 317 10.24 13.94 25.33
N SER A 318 9.69 14.91 24.61
CA SER A 318 8.65 15.79 25.20
C SER A 318 7.50 15.02 25.82
N LYS A 319 7.01 13.99 25.11
CA LYS A 319 5.95 13.14 25.62
C LYS A 319 6.33 12.43 26.91
N PHE A 320 7.53 11.85 26.93
CA PHE A 320 8.04 11.17 28.10
C PHE A 320 8.24 12.12 29.28
N LEU A 321 8.72 13.33 29.02
CA LEU A 321 8.89 14.31 30.09
C LEU A 321 7.55 14.72 30.70
N LEU A 322 6.56 14.88 29.85
CA LEU A 322 5.21 15.21 30.29
C LEU A 322 4.66 14.09 31.17
N GLU A 323 4.84 12.83 30.73
CA GLU A 323 4.47 11.66 31.54
C GLU A 323 5.18 11.69 32.89
N ASN A 324 6.45 12.06 32.88
CA ASN A 324 7.24 12.10 34.12
C ASN A 324 6.68 13.14 35.08
N SER A 325 6.38 14.33 34.58
CA SER A 325 5.73 15.39 35.36
C SER A 325 4.45 14.91 36.02
N VAL A 326 3.62 14.22 35.26
CA VAL A 326 2.39 13.63 35.78
C VAL A 326 2.67 12.58 36.85
N LEU A 327 3.70 11.75 36.65
CA LEU A 327 4.11 10.76 37.65
C LEU A 327 4.64 11.42 38.92
N LYS A 328 5.48 12.45 38.76
CA LYS A 328 5.97 13.24 39.88
C LYS A 328 4.83 13.89 40.68
N MET A 329 3.80 14.38 39.98
CA MET A 329 2.67 15.05 40.63
C MET A 329 1.70 14.09 41.33
N GLU A 330 1.76 12.80 40.97
CA GLU A 330 0.97 11.77 41.66
C GLU A 330 1.50 11.48 43.07
N TYR A 331 2.72 11.94 43.36
CA TYR A 331 3.35 11.74 44.67
C TYR A 331 2.45 12.25 45.78
N ALA A 332 2.24 11.40 46.79
CA ALA A 332 1.44 11.75 47.96
C ALA A 332 2.17 12.75 48.85
N GLN B 4 19.89 -0.37 5.15
CA GLN B 4 21.00 -0.81 4.25
C GLN B 4 20.64 -0.58 2.78
N LYS B 5 19.61 -1.23 2.27
CA LYS B 5 19.19 -1.02 0.87
C LYS B 5 18.85 0.44 0.61
N ASP B 6 19.60 1.09 -0.27
CA ASP B 6 19.36 2.49 -0.58
C ASP B 6 19.98 2.81 -1.94
N VAL B 7 19.64 3.96 -2.49
CA VAL B 7 20.35 4.50 -3.64
C VAL B 7 21.40 5.49 -3.15
N THR B 8 22.34 5.81 -4.04
CA THR B 8 23.32 6.87 -3.80
C THR B 8 23.11 7.89 -4.90
N ILE B 9 22.86 9.13 -4.49
CA ILE B 9 22.59 10.22 -5.42
C ILE B 9 23.90 10.73 -5.96
N LYS B 10 24.09 10.58 -7.27
CA LYS B 10 25.31 11.01 -7.92
C LYS B 10 25.40 12.53 -7.91
N SER B 11 26.63 13.03 -8.00
CA SER B 11 26.91 14.44 -7.74
C SER B 11 26.24 15.41 -8.71
N ASP B 12 25.91 14.91 -9.91
CA ASP B 12 25.34 15.73 -10.97
C ASP B 12 23.83 15.51 -11.17
N ALA B 13 23.17 14.88 -10.20
CA ALA B 13 21.72 14.76 -10.22
C ALA B 13 21.10 16.16 -10.20
N PRO B 14 19.95 16.35 -10.88
CA PRO B 14 19.31 17.67 -10.81
C PRO B 14 19.01 18.13 -9.38
N ASP B 15 19.22 19.41 -9.10
CA ASP B 15 19.03 19.97 -7.77
C ASP B 15 18.17 21.24 -7.82
N THR B 16 17.48 21.43 -8.93
CA THR B 16 16.59 22.56 -9.19
C THR B 16 15.26 22.00 -9.70
N LEU B 17 14.17 22.73 -9.50
CA LEU B 17 12.84 22.28 -9.95
C LEU B 17 12.59 22.71 -11.39
N LEU B 18 12.32 21.75 -12.27
CA LEU B 18 12.22 21.97 -13.71
C LEU B 18 10.75 21.95 -14.17
N LEU B 19 9.96 22.85 -13.59
CA LEU B 19 8.51 22.85 -13.78
C LEU B 19 8.11 22.97 -15.25
N GLU B 20 8.81 23.82 -15.99
CA GLU B 20 8.49 24.03 -17.42
C GLU B 20 8.67 22.73 -18.20
N LYS B 21 9.75 22.01 -17.95
CA LYS B 21 9.98 20.69 -18.54
C LYS B 21 8.90 19.64 -18.21
N HIS B 22 8.46 19.62 -16.95
CA HIS B 22 7.46 18.65 -16.53
C HIS B 22 6.11 18.93 -17.20
N ALA B 23 5.76 20.21 -17.31
CA ALA B 23 4.50 20.59 -17.95
C ALA B 23 4.54 20.23 -19.43
N ASP B 24 5.68 20.44 -20.09
CA ASP B 24 5.85 20.06 -21.50
C ASP B 24 5.74 18.55 -21.67
N TYR B 25 6.32 17.82 -20.71
CA TYR B 25 6.29 16.36 -20.75
C TYR B 25 4.86 15.82 -20.65
N ILE B 26 4.11 16.30 -19.66
CA ILE B 26 2.73 15.88 -19.49
C ILE B 26 1.87 16.39 -20.65
N ALA B 27 2.05 17.66 -21.04
CA ALA B 27 1.26 18.23 -22.15
C ALA B 27 1.37 17.40 -23.42
N SER B 28 2.54 16.79 -23.64
CA SER B 28 2.81 15.99 -24.83
C SER B 28 2.57 14.49 -24.65
N TYR B 29 2.31 14.03 -23.43
CA TYR B 29 2.19 12.60 -23.17
C TYR B 29 1.04 11.96 -23.96
N GLY B 30 1.30 10.81 -24.57
CA GLY B 30 0.29 10.11 -25.36
C GLY B 30 -0.05 10.81 -26.67
N SER B 31 0.97 11.34 -27.34
CA SER B 31 0.85 11.89 -28.68
C SER B 31 0.85 10.74 -29.67
N ASP B 35 2.81 4.03 -29.67
CA ASP B 35 3.68 4.05 -28.50
C ASP B 35 3.46 2.81 -27.65
N TYR B 36 4.54 2.10 -27.33
CA TYR B 36 4.45 0.82 -26.63
C TYR B 36 3.77 0.95 -25.26
N GLU B 37 4.38 1.74 -24.37
CA GLU B 37 3.87 1.94 -23.01
C GLU B 37 2.44 2.48 -22.96
N TYR B 38 2.12 3.34 -23.89
CA TYR B 38 0.88 4.04 -23.83
C TYR B 38 -0.21 3.06 -24.14
N CYS B 39 -0.10 2.39 -25.27
CA CYS B 39 -1.12 1.45 -25.67
C CYS B 39 -1.23 0.28 -24.68
N MET B 40 -0.11 -0.09 -24.07
CA MET B 40 -0.11 -1.24 -23.15
C MET B 40 -0.69 -0.89 -21.79
N SER B 41 -0.95 0.39 -21.55
CA SER B 41 -1.50 0.85 -20.28
C SER B 41 -2.90 1.46 -20.43
N GLU B 42 -3.58 1.10 -21.52
CA GLU B 42 -4.98 1.50 -21.74
C GLU B 42 -5.86 1.11 -20.56
N TYR B 43 -5.54 -0.04 -19.96
CA TYR B 43 -6.28 -0.57 -18.81
C TYR B 43 -6.31 0.37 -17.60
N LEU B 44 -5.45 1.39 -17.58
CA LEU B 44 -5.46 2.38 -16.51
C LEU B 44 -5.74 3.80 -17.00
N ARG B 45 -6.23 3.93 -18.23
CA ARG B 45 -6.21 5.25 -18.90
C ARG B 45 -6.83 6.36 -18.05
N MET B 46 -7.96 6.08 -17.43
CA MET B 46 -8.68 7.13 -16.68
C MET B 46 -7.86 7.67 -15.51
N SER B 47 -7.10 6.78 -14.86
CA SER B 47 -6.22 7.19 -13.77
C SER B 47 -5.02 7.94 -14.31
N GLY B 48 -4.49 7.48 -15.44
CA GLY B 48 -3.44 8.20 -16.18
C GLY B 48 -3.84 9.63 -16.50
N VAL B 49 -5.05 9.81 -16.99
CA VAL B 49 -5.62 11.11 -17.25
C VAL B 49 -5.69 11.93 -15.96
N TYR B 50 -6.21 11.32 -14.89
CA TYR B 50 -6.22 11.96 -13.55
C TYR B 50 -4.81 12.42 -13.10
N TRP B 51 -3.78 11.57 -13.21
CA TRP B 51 -2.42 11.94 -12.79
C TRP B 51 -1.91 13.14 -13.60
N GLY B 52 -2.11 13.10 -14.90
CA GLY B 52 -1.68 14.19 -15.79
C GLY B 52 -2.36 15.52 -15.52
N LEU B 53 -3.69 15.48 -15.40
CA LEU B 53 -4.45 16.69 -15.16
C LEU B 53 -4.18 17.31 -13.80
N THR B 54 -4.09 16.48 -12.77
CA THR B 54 -3.81 16.96 -11.43
C THR B 54 -2.44 17.57 -11.33
N VAL B 55 -1.43 16.93 -11.92
CA VAL B 55 -0.06 17.51 -11.84
C VAL B 55 -0.01 18.81 -12.62
N MET B 56 -0.71 18.85 -13.75
CA MET B 56 -0.77 20.09 -14.54
C MET B 56 -1.44 21.23 -13.75
N ASP B 57 -2.55 20.91 -13.09
CA ASP B 57 -3.26 21.91 -12.30
C ASP B 57 -2.40 22.39 -11.12
N LEU B 58 -1.73 21.46 -10.45
CA LEU B 58 -0.80 21.87 -9.37
C LEU B 58 0.28 22.83 -9.87
N MET B 59 0.68 22.66 -11.13
CA MET B 59 1.69 23.54 -11.74
C MET B 59 1.12 24.80 -12.41
N GLY B 60 -0.21 24.93 -12.41
CA GLY B 60 -0.88 26.10 -12.99
C GLY B 60 -1.04 26.02 -14.51
N GLN B 61 -0.99 24.81 -15.05
CA GLN B 61 -0.97 24.57 -16.49
C GLN B 61 -2.11 23.69 -16.99
N LEU B 62 -3.20 23.59 -16.22
CA LEU B 62 -4.33 22.73 -16.61
C LEU B 62 -4.86 23.10 -18.00
N HIS B 63 -4.88 24.39 -18.32
CA HIS B 63 -5.48 24.90 -19.59
C HIS B 63 -4.87 24.28 -20.85
N ARG B 64 -3.64 23.77 -20.73
CA ARG B 64 -2.95 23.14 -21.84
C ARG B 64 -3.44 21.75 -22.20
N MET B 65 -4.33 21.19 -21.36
CA MET B 65 -4.93 19.88 -21.60
C MET B 65 -6.30 20.07 -22.27
N ASN B 66 -6.89 19.01 -22.78
CA ASN B 66 -8.12 19.13 -23.58
C ASN B 66 -9.37 18.75 -22.79
N LYS B 67 -9.96 19.76 -22.13
CA LYS B 67 -11.12 19.56 -21.27
C LYS B 67 -12.26 18.90 -22.02
N GLU B 68 -12.63 19.49 -23.15
CA GLU B 68 -13.77 18.99 -23.88
C GLU B 68 -13.57 17.54 -24.31
N GLU B 69 -12.38 17.21 -24.77
CA GLU B 69 -12.09 15.86 -25.19
C GLU B 69 -12.17 14.89 -23.99
N ILE B 70 -11.72 15.34 -22.82
CA ILE B 70 -11.69 14.47 -21.64
C ILE B 70 -13.11 14.27 -21.11
N LEU B 71 -13.95 15.29 -21.16
CA LEU B 71 -15.33 15.16 -20.68
C LEU B 71 -16.12 14.15 -21.52
N VAL B 72 -15.94 14.19 -22.83
CA VAL B 72 -16.59 13.21 -23.72
C VAL B 72 -16.09 11.81 -23.42
N PHE B 73 -14.78 11.68 -23.22
CA PHE B 73 -14.18 10.38 -22.85
C PHE B 73 -14.78 9.83 -21.54
N ILE B 74 -14.88 10.67 -20.52
CA ILE B 74 -15.42 10.24 -19.23
C ILE B 74 -16.88 9.76 -19.39
N LYS B 75 -17.71 10.55 -20.06
CA LYS B 75 -19.10 10.17 -20.32
C LYS B 75 -19.21 8.79 -20.99
N SER B 76 -18.37 8.53 -21.99
CA SER B 76 -18.41 7.26 -22.71
CA SER B 76 -18.37 7.26 -22.72
C SER B 76 -17.89 6.06 -21.89
N CYS B 77 -17.24 6.33 -20.75
CA CYS B 77 -16.74 5.25 -19.89
C CYS B 77 -17.65 4.94 -18.73
N GLN B 78 -18.77 5.65 -18.58
CA GLN B 78 -19.75 5.29 -17.56
C GLN B 78 -20.65 4.19 -18.10
N HIS B 79 -20.78 3.11 -17.33
CA HIS B 79 -21.58 1.96 -17.74
C HIS B 79 -22.99 2.05 -17.20
N GLU B 80 -23.86 1.12 -17.60
CA GLU B 80 -25.28 1.18 -17.22
C GLU B 80 -25.48 1.00 -15.70
N CYS B 81 -24.54 0.29 -15.07
CA CYS B 81 -24.54 0.10 -13.62
C CYS B 81 -24.17 1.37 -12.83
N GLY B 82 -23.63 2.37 -13.54
CA GLY B 82 -23.22 3.60 -12.91
C GLY B 82 -21.72 3.73 -12.74
N GLY B 83 -21.02 2.60 -12.79
CA GLY B 83 -19.59 2.56 -12.62
C GLY B 83 -18.84 3.03 -13.84
N VAL B 84 -17.62 3.48 -13.63
CA VAL B 84 -16.80 4.01 -14.70
C VAL B 84 -15.61 3.11 -14.93
N SER B 85 -15.29 2.89 -16.21
CA SER B 85 -14.15 2.07 -16.62
C SER B 85 -12.90 2.92 -16.90
N ALA B 86 -11.78 2.22 -17.06
CA ALA B 86 -10.50 2.86 -17.34
C ALA B 86 -10.51 3.46 -18.73
N SER B 87 -11.24 2.82 -19.63
CA SER B 87 -11.24 3.22 -21.01
C SER B 87 -12.50 2.64 -21.65
N ILE B 88 -12.80 3.12 -22.84
CA ILE B 88 -13.99 2.72 -23.58
C ILE B 88 -13.92 1.21 -23.89
N GLY B 89 -14.94 0.48 -23.46
CA GLY B 89 -15.02 -0.96 -23.69
C GLY B 89 -14.36 -1.80 -22.61
N HIS B 90 -13.65 -1.17 -21.68
CA HIS B 90 -13.13 -1.86 -20.50
C HIS B 90 -14.23 -1.93 -19.45
N ASP B 91 -14.03 -2.67 -18.36
CA ASP B 91 -15.08 -2.88 -17.37
C ASP B 91 -15.03 -1.86 -16.24
N PRO B 92 -16.20 -1.52 -15.69
CA PRO B 92 -16.24 -0.50 -14.63
C PRO B 92 -15.51 -0.98 -13.37
N HIS B 93 -14.90 -0.05 -12.65
CA HIS B 93 -14.19 -0.37 -11.43
C HIS B 93 -14.19 0.85 -10.51
N LEU B 94 -14.17 0.60 -9.19
CA LEU B 94 -14.07 1.71 -8.24
C LEU B 94 -12.85 2.59 -8.45
N LEU B 95 -11.72 2.02 -8.88
CA LEU B 95 -10.51 2.78 -9.12
C LEU B 95 -10.74 3.91 -10.13
N TYR B 96 -11.37 3.56 -11.25
CA TYR B 96 -11.56 4.51 -12.37
C TYR B 96 -12.78 5.39 -12.16
N THR B 97 -13.70 4.91 -11.32
CA THR B 97 -14.83 5.71 -10.87
C THR B 97 -14.34 6.88 -10.04
N LEU B 98 -13.42 6.61 -9.10
CA LEU B 98 -12.83 7.68 -8.32
C LEU B 98 -12.05 8.66 -9.20
N SER B 99 -11.17 8.14 -10.03
CA SER B 99 -10.36 8.96 -10.94
C SER B 99 -11.24 9.85 -11.81
N ALA B 100 -12.30 9.27 -12.37
CA ALA B 100 -13.24 10.06 -13.18
C ALA B 100 -13.88 11.18 -12.37
N VAL B 101 -14.31 10.85 -11.16
CA VAL B 101 -14.96 11.85 -10.30
C VAL B 101 -13.98 12.91 -9.88
N GLN B 102 -12.73 12.52 -9.66
CA GLN B 102 -11.69 13.48 -9.32
C GLN B 102 -11.49 14.47 -10.48
N ILE B 103 -11.44 13.93 -11.70
CA ILE B 103 -11.23 14.75 -12.90
C ILE B 103 -12.38 15.76 -13.06
N LEU B 104 -13.61 15.27 -12.95
CA LEU B 104 -14.79 16.14 -13.13
C LEU B 104 -14.87 17.23 -12.05
N THR B 105 -14.34 16.90 -10.88
CA THR B 105 -14.25 17.86 -9.80
C THR B 105 -13.24 18.95 -10.16
N LEU B 106 -12.04 18.57 -10.61
CA LEU B 106 -11.08 19.52 -11.14
C LEU B 106 -11.72 20.44 -12.19
N TYR B 107 -12.57 19.87 -13.03
CA TYR B 107 -13.23 20.61 -14.12
C TYR B 107 -14.59 21.22 -13.79
N ASP B 108 -15.00 21.16 -12.53
CA ASP B 108 -16.35 21.54 -12.14
C ASP B 108 -17.42 21.07 -13.15
N SER B 109 -17.33 19.79 -13.53
CA SER B 109 -18.21 19.20 -14.54
CA SER B 109 -18.21 19.20 -14.54
C SER B 109 -18.82 17.87 -14.09
N ILE B 110 -19.16 17.78 -12.81
CA ILE B 110 -19.66 16.55 -12.24
C ILE B 110 -20.93 16.01 -12.94
N HIS B 111 -21.79 16.90 -13.40
CA HIS B 111 -23.03 16.41 -14.01
CA HIS B 111 -23.04 16.63 -14.12
C HIS B 111 -22.86 15.97 -15.48
N VAL B 112 -21.62 15.89 -15.95
CA VAL B 112 -21.30 15.23 -17.20
C VAL B 112 -21.66 13.73 -17.14
N ILE B 113 -21.57 13.13 -15.94
CA ILE B 113 -22.02 11.76 -15.74
C ILE B 113 -23.23 11.73 -14.83
N ASN B 114 -23.86 10.56 -14.74
CA ASN B 114 -25.02 10.34 -13.90
C ASN B 114 -24.57 10.08 -12.45
N VAL B 115 -24.66 11.10 -11.60
CA VAL B 115 -24.12 11.04 -10.24
C VAL B 115 -24.92 10.08 -9.36
N ASP B 116 -26.25 10.03 -9.55
CA ASP B 116 -27.10 9.09 -8.82
C ASP B 116 -26.69 7.62 -9.09
N LYS B 117 -26.32 7.31 -10.32
CA LYS B 117 -25.91 5.97 -10.68
C LYS B 117 -24.51 5.65 -10.13
N VAL B 118 -23.61 6.63 -10.12
CA VAL B 118 -22.29 6.42 -9.46
C VAL B 118 -22.48 6.04 -7.99
N VAL B 119 -23.29 6.82 -7.27
CA VAL B 119 -23.61 6.55 -5.88
C VAL B 119 -24.19 5.15 -5.70
N ALA B 120 -25.15 4.78 -6.55
CA ALA B 120 -25.73 3.46 -6.51
C ALA B 120 -24.65 2.39 -6.76
N TYR B 121 -23.75 2.65 -7.70
CA TYR B 121 -22.65 1.73 -7.96
C TYR B 121 -21.76 1.52 -6.72
N VAL B 122 -21.32 2.60 -6.12
CA VAL B 122 -20.47 2.50 -4.93
C VAL B 122 -21.19 1.73 -3.81
N GLN B 123 -22.42 2.16 -3.52
CA GLN B 123 -23.25 1.53 -2.50
C GLN B 123 -23.30 0.02 -2.69
N SER B 124 -23.40 -0.40 -3.94
CA SER B 124 -23.61 -1.83 -4.28
C SER B 124 -22.40 -2.69 -3.98
N LEU B 125 -21.22 -2.09 -3.90
CA LEU B 125 -19.97 -2.85 -3.72
C LEU B 125 -19.59 -3.07 -2.26
N GLN B 126 -20.35 -2.52 -1.33
CA GLN B 126 -20.08 -2.75 0.10
C GLN B 126 -20.58 -4.13 0.54
N LYS B 127 -19.77 -4.80 1.36
CA LYS B 127 -20.10 -6.12 1.89
C LYS B 127 -20.64 -6.03 3.30
N GLU B 128 -21.12 -7.15 3.82
CA GLU B 128 -21.74 -7.20 5.15
C GLU B 128 -20.78 -6.75 6.24
N ASP B 129 -19.50 -7.09 6.09
CA ASP B 129 -18.50 -6.69 7.08
C ASP B 129 -18.06 -5.21 6.96
N GLY B 130 -18.63 -4.48 6.01
CA GLY B 130 -18.28 -3.08 5.81
C GLY B 130 -17.24 -2.80 4.73
N SER B 131 -16.54 -3.84 4.30
CA SER B 131 -15.55 -3.72 3.23
C SER B 131 -16.18 -3.38 1.89
N PHE B 132 -15.32 -3.01 0.95
CA PHE B 132 -15.73 -2.82 -0.43
C PHE B 132 -14.93 -3.68 -1.37
N ALA B 133 -15.64 -4.30 -2.30
CA ALA B 133 -15.04 -4.94 -3.46
C ALA B 133 -14.70 -3.88 -4.50
N GLY B 134 -13.71 -4.16 -5.34
CA GLY B 134 -13.34 -3.23 -6.39
C GLY B 134 -14.34 -3.16 -7.54
N ASP B 135 -14.99 -4.28 -7.77
CA ASP B 135 -16.00 -4.40 -8.83
C ASP B 135 -16.81 -5.64 -8.55
N ILE B 136 -17.68 -6.04 -9.49
CA ILE B 136 -18.54 -7.23 -9.31
C ILE B 136 -17.79 -8.54 -9.07
N TRP B 137 -16.48 -8.58 -9.31
CA TRP B 137 -15.73 -9.83 -9.16
C TRP B 137 -15.14 -10.04 -7.75
N GLY B 138 -15.44 -9.13 -6.84
CA GLY B 138 -15.30 -9.41 -5.42
C GLY B 138 -13.94 -9.27 -4.75
N GLU B 139 -12.94 -8.67 -5.42
CA GLU B 139 -11.64 -8.41 -4.76
C GLU B 139 -11.81 -7.37 -3.65
N ILE B 140 -11.47 -7.75 -2.43
CA ILE B 140 -11.58 -6.91 -1.24
C ILE B 140 -10.23 -6.27 -0.88
N ASP B 141 -10.21 -4.96 -0.76
CA ASP B 141 -8.99 -4.23 -0.42
C ASP B 141 -9.40 -2.92 0.23
N THR B 142 -8.77 -2.59 1.35
CA THR B 142 -8.96 -1.26 1.94
C THR B 142 -8.69 -0.11 0.95
N ARG B 143 -7.94 -0.34 -0.13
CA ARG B 143 -7.80 0.64 -1.22
CA ARG B 143 -7.81 0.74 -1.09
C ARG B 143 -9.17 1.07 -1.73
N PHE B 144 -10.09 0.08 -1.77
CA PHE B 144 -11.43 0.29 -2.30
C PHE B 144 -12.36 0.93 -1.27
N SER B 145 -12.07 0.77 0.02
CA SER B 145 -12.74 1.56 1.05
C SER B 145 -12.43 3.03 0.85
N PHE B 146 -11.16 3.35 0.61
CA PHE B 146 -10.76 4.72 0.32
C PHE B 146 -11.45 5.23 -0.95
N CYS B 147 -11.38 4.46 -2.04
CA CYS B 147 -12.02 4.88 -3.30
C CYS B 147 -13.49 5.19 -3.13
N ALA B 148 -14.21 4.32 -2.40
CA ALA B 148 -15.63 4.51 -2.13
C ALA B 148 -15.91 5.83 -1.39
N VAL B 149 -15.30 6.03 -0.22
CA VAL B 149 -15.57 7.25 0.56
C VAL B 149 -15.07 8.52 -0.07
N ALA B 150 -13.94 8.45 -0.78
CA ALA B 150 -13.41 9.62 -1.49
C ALA B 150 -14.31 10.03 -2.65
N THR B 151 -14.80 9.05 -3.41
CA THR B 151 -15.76 9.32 -4.47
C THR B 151 -17.03 9.94 -3.90
N LEU B 152 -17.56 9.31 -2.86
CA LEU B 152 -18.81 9.80 -2.28
C LEU B 152 -18.65 11.18 -1.63
N ALA B 153 -17.55 11.40 -0.94
CA ALA B 153 -17.26 12.71 -0.35
C ALA B 153 -17.29 13.83 -1.38
N LEU B 154 -16.62 13.61 -2.52
CA LEU B 154 -16.58 14.58 -3.61
C LEU B 154 -17.95 14.85 -4.24
N LEU B 155 -18.87 13.89 -4.10
CA LEU B 155 -20.25 14.02 -4.62
C LEU B 155 -21.27 14.48 -3.57
N GLY B 156 -20.81 14.63 -2.33
CA GLY B 156 -21.67 15.02 -1.22
C GLY B 156 -22.63 13.91 -0.78
N LYS B 157 -22.20 12.65 -0.94
CA LYS B 157 -23.09 11.52 -0.71
C LYS B 157 -22.47 10.41 0.16
N LEU B 158 -21.62 10.81 1.11
CA LEU B 158 -21.02 9.86 2.05
C LEU B 158 -22.12 9.11 2.80
N ASP B 159 -23.25 9.76 3.02
CA ASP B 159 -24.35 9.13 3.73
C ASP B 159 -24.93 7.92 3.00
N ALA B 160 -24.55 7.70 1.75
CA ALA B 160 -25.10 6.59 0.98
C ALA B 160 -24.56 5.21 1.39
N ILE B 161 -23.47 5.16 2.13
CA ILE B 161 -22.91 3.86 2.53
C ILE B 161 -23.08 3.67 4.03
N ASN B 162 -22.81 2.45 4.48
CA ASN B 162 -22.81 2.13 5.89
C ASN B 162 -21.46 2.51 6.46
N VAL B 163 -21.39 3.70 7.05
CA VAL B 163 -20.11 4.29 7.41
C VAL B 163 -19.49 3.60 8.63
N GLU B 164 -20.29 3.33 9.65
CA GLU B 164 -19.80 2.65 10.85
C GLU B 164 -19.23 1.28 10.50
N LYS B 165 -19.92 0.52 9.67
CA LYS B 165 -19.40 -0.78 9.24
C LYS B 165 -18.13 -0.63 8.39
N ALA B 166 -18.11 0.36 7.50
CA ALA B 166 -16.92 0.66 6.72
C ALA B 166 -15.74 0.99 7.62
N ILE B 167 -15.98 1.79 8.67
CA ILE B 167 -14.95 2.16 9.65
C ILE B 167 -14.42 0.95 10.37
N GLU B 168 -15.34 0.13 10.87
CA GLU B 168 -14.98 -1.10 11.58
C GLU B 168 -14.07 -2.00 10.73
N PHE B 169 -14.40 -2.16 9.46
CA PHE B 169 -13.58 -2.98 8.58
C PHE B 169 -12.17 -2.39 8.46
N VAL B 170 -12.06 -1.09 8.21
CA VAL B 170 -10.75 -0.47 8.04
C VAL B 170 -9.93 -0.66 9.32
N LEU B 171 -10.54 -0.42 10.47
CA LEU B 171 -9.85 -0.55 11.74
C LEU B 171 -9.41 -1.98 12.01
N SER B 172 -10.17 -2.95 11.51
CA SER B 172 -9.78 -4.36 11.64
C SER B 172 -8.52 -4.69 10.84
N CYS B 173 -8.09 -3.78 9.97
CA CYS B 173 -6.89 -3.96 9.16
C CYS B 173 -5.70 -3.21 9.78
N MET B 174 -5.87 -2.67 10.99
CA MET B 174 -4.76 -2.02 11.70
C MET B 174 -3.85 -3.09 12.33
N ASN B 175 -2.55 -2.82 12.31
CA ASN B 175 -1.53 -3.82 12.63
C ASN B 175 -0.72 -3.43 13.85
N PHE B 176 0.13 -4.37 14.28
CA PHE B 176 0.96 -4.25 15.49
C PHE B 176 1.86 -3.02 15.45
N ASP B 177 2.25 -2.63 14.24
CA ASP B 177 3.16 -1.50 14.01
C ASP B 177 2.46 -0.14 13.84
N GLY B 178 1.12 -0.12 13.97
CA GLY B 178 0.33 1.09 13.86
C GLY B 178 -0.20 1.33 12.44
N GLY B 179 0.32 0.58 11.48
CA GLY B 179 -0.10 0.68 10.09
C GLY B 179 -1.33 -0.12 9.72
N PHE B 180 -1.58 -0.20 8.42
CA PHE B 180 -2.77 -0.85 7.86
C PHE B 180 -2.41 -1.70 6.65
N GLY B 181 -3.14 -2.79 6.50
CA GLY B 181 -3.03 -3.69 5.35
C GLY B 181 -4.26 -3.65 4.46
N CYS B 182 -4.20 -4.42 3.35
CA CYS B 182 -5.27 -4.52 2.34
CA CYS B 182 -5.27 -4.42 2.38
C CYS B 182 -6.52 -5.12 2.93
N ARG B 183 -6.30 -6.09 3.79
CA ARG B 183 -7.33 -6.89 4.43
C ARG B 183 -6.87 -7.24 5.84
N PRO B 184 -7.79 -7.72 6.70
CA PRO B 184 -7.39 -8.10 8.05
C PRO B 184 -6.24 -9.14 8.08
N GLY B 185 -5.19 -8.85 8.83
CA GLY B 185 -4.03 -9.71 8.89
C GLY B 185 -3.00 -9.44 7.81
N SER B 186 -3.26 -8.47 6.93
CA SER B 186 -2.28 -8.12 5.88
CA SER B 186 -2.29 -8.14 5.89
C SER B 186 -1.28 -7.10 6.41
N GLU B 187 -0.04 -7.27 5.97
CA GLU B 187 1.10 -6.48 6.42
C GLU B 187 1.00 -5.01 6.04
N SER B 188 1.55 -4.16 6.89
CA SER B 188 1.52 -2.72 6.67
C SER B 188 2.38 -2.34 5.48
N HIS B 189 1.86 -1.42 4.68
CA HIS B 189 2.72 -0.74 3.72
C HIS B 189 2.17 0.63 3.38
N ALA B 190 3.06 1.50 2.92
CA ALA B 190 2.75 2.94 2.83
C ALA B 190 1.53 3.31 1.98
N GLY B 191 1.36 2.64 0.84
CA GLY B 191 0.24 2.91 -0.06
C GLY B 191 -1.07 2.61 0.63
N GLN B 192 -1.09 1.50 1.35
CA GLN B 192 -2.23 1.09 2.16
C GLN B 192 -2.53 2.02 3.30
N ILE B 193 -1.48 2.45 3.97
CA ILE B 193 -1.61 3.41 5.05
C ILE B 193 -2.22 4.74 4.55
N TYR B 194 -1.76 5.21 3.40
CA TYR B 194 -2.39 6.40 2.79
C TYR B 194 -3.91 6.19 2.60
N CYS B 195 -4.30 5.04 2.07
CA CYS B 195 -5.71 4.77 1.79
CA CYS B 195 -5.72 4.82 1.78
C CYS B 195 -6.54 4.73 3.07
N CYS B 196 -6.01 4.08 4.09
CA CYS B 196 -6.73 3.96 5.34
C CYS B 196 -6.73 5.26 6.16
N THR B 197 -5.63 5.97 6.22
CA THR B 197 -5.63 7.28 6.92
C THR B 197 -6.49 8.30 6.14
N GLY B 198 -6.42 8.24 4.81
CA GLY B 198 -7.30 9.09 3.98
C GLY B 198 -8.75 8.74 4.28
N PHE B 199 -9.05 7.45 4.33
CA PHE B 199 -10.41 6.99 4.67
C PHE B 199 -10.84 7.51 6.03
N LEU B 200 -9.95 7.40 7.01
CA LEU B 200 -10.28 7.83 8.37
C LEU B 200 -10.43 9.35 8.49
N ALA B 201 -9.69 10.09 7.70
CA ALA B 201 -9.86 11.54 7.62
C ALA B 201 -11.27 11.89 7.14
N ILE B 202 -11.67 11.29 6.02
CA ILE B 202 -12.98 11.52 5.40
C ILE B 202 -14.15 11.14 6.30
N THR B 203 -14.00 10.05 7.05
CA THR B 203 -15.03 9.59 7.97
C THR B 203 -14.92 10.14 9.41
N SER B 204 -14.03 11.11 9.63
CA SER B 204 -13.83 11.77 10.94
C SER B 204 -13.42 10.80 12.07
N GLN B 205 -12.49 9.88 11.76
CA GLN B 205 -12.04 8.88 12.75
C GLN B 205 -10.53 8.85 12.98
N LEU B 206 -9.86 9.98 12.79
CA LEU B 206 -8.40 10.04 12.99
C LEU B 206 -7.96 9.84 14.46
N HIS B 207 -8.88 10.02 15.38
CA HIS B 207 -8.62 9.77 16.80
C HIS B 207 -8.42 8.28 17.08
N GLN B 208 -8.77 7.41 16.14
CA GLN B 208 -8.55 5.98 16.32
C GLN B 208 -7.18 5.50 15.84
N VAL B 209 -6.45 6.37 15.15
CA VAL B 209 -5.09 6.06 14.72
C VAL B 209 -4.15 6.28 15.90
N ASN B 210 -3.17 5.38 16.07
CA ASN B 210 -2.05 5.63 16.99
C ASN B 210 -1.02 6.50 16.26
N SER B 211 -1.20 7.81 16.32
CA SER B 211 -0.42 8.71 15.49
C SER B 211 1.06 8.69 15.84
N ASP B 212 1.40 8.55 17.12
CA ASP B 212 2.83 8.49 17.48
C ASP B 212 3.49 7.22 16.96
N LEU B 213 2.79 6.10 17.08
CA LEU B 213 3.35 4.82 16.64
C LEU B 213 3.43 4.75 15.11
N LEU B 214 2.31 5.06 14.44
CA LEU B 214 2.28 5.02 12.99
C LEU B 214 3.24 6.05 12.41
N GLY B 215 3.25 7.23 13.02
CA GLY B 215 4.11 8.31 12.58
C GLY B 215 5.57 7.90 12.62
N TRP B 216 5.94 7.17 13.66
CA TRP B 216 7.28 6.66 13.79
C TRP B 216 7.62 5.69 12.65
N TRP B 217 6.76 4.71 12.45
CA TRP B 217 6.93 3.72 11.37
C TRP B 217 7.06 4.41 10.01
N LEU B 218 6.27 5.47 9.80
CA LEU B 218 6.32 6.22 8.55
C LEU B 218 7.62 7.02 8.39
N CYS B 219 8.06 7.74 9.42
CA CYS B 219 9.31 8.49 9.29
C CYS B 219 10.53 7.57 9.19
N GLU B 220 10.43 6.37 9.72
CA GLU B 220 11.50 5.38 9.53
C GLU B 220 11.61 4.87 8.09
N ARG B 221 10.66 5.24 7.22
CA ARG B 221 10.76 5.01 5.77
C ARG B 221 11.86 5.81 5.09
N GLN B 222 12.31 6.89 5.73
CA GLN B 222 13.35 7.72 5.13
C GLN B 222 14.74 7.11 5.28
N LEU B 223 15.38 6.92 4.14
CA LEU B 223 16.70 6.30 4.06
C LEU B 223 17.81 7.35 4.00
N PRO B 224 19.08 6.93 4.22
CA PRO B 224 20.17 7.89 4.20
C PRO B 224 20.23 8.79 2.96
N SER B 225 19.80 8.27 1.80
CA SER B 225 19.71 9.05 0.57
C SER B 225 18.71 10.22 0.66
N GLY B 226 17.81 10.16 1.65
CA GLY B 226 16.76 11.16 1.80
C GLY B 226 15.41 10.71 1.23
N GLY B 227 15.44 9.68 0.38
CA GLY B 227 14.22 9.14 -0.21
C GLY B 227 13.49 8.22 0.75
N LEU B 228 12.22 7.99 0.46
CA LEU B 228 11.33 7.16 1.26
C LEU B 228 11.05 5.84 0.57
N ASN B 229 11.09 4.75 1.32
CA ASN B 229 10.55 3.48 0.83
C ASN B 229 9.15 3.31 1.36
N GLY B 230 8.51 2.21 0.97
CA GLY B 230 7.13 1.94 1.34
C GLY B 230 6.99 0.94 2.46
N ARG B 231 8.09 0.27 2.78
CA ARG B 231 8.16 -0.58 3.93
C ARG B 231 9.59 -0.97 4.24
N PRO B 232 9.82 -1.50 5.46
CA PRO B 232 11.16 -1.85 5.89
C PRO B 232 11.93 -2.63 4.85
N GLU B 233 13.18 -2.23 4.67
CA GLU B 233 14.18 -2.98 3.92
C GLU B 233 13.96 -2.96 2.41
N LYS B 234 13.18 -2.01 1.89
CA LYS B 234 12.98 -1.87 0.44
C LYS B 234 13.68 -0.61 -0.07
N LEU B 235 13.85 -0.51 -1.40
CA LEU B 235 14.51 0.66 -2.00
C LEU B 235 13.59 1.87 -1.94
N PRO B 236 14.17 3.08 -1.92
CA PRO B 236 13.31 4.25 -1.98
C PRO B 236 12.73 4.45 -3.39
N ASP B 237 11.63 5.18 -3.44
CA ASP B 237 10.89 5.40 -4.69
C ASP B 237 10.18 6.75 -4.49
N VAL B 238 10.31 7.61 -5.49
CA VAL B 238 9.78 8.97 -5.39
C VAL B 238 8.30 9.04 -5.06
N CYS B 239 7.52 8.03 -5.47
CA CYS B 239 6.08 8.07 -5.22
C CYS B 239 5.75 7.96 -3.73
N TYR B 240 6.68 7.41 -2.93
CA TYR B 240 6.47 7.41 -1.48
C TYR B 240 6.52 8.82 -0.88
N SER B 241 7.09 9.78 -1.61
CA SER B 241 6.99 11.20 -1.29
C SER B 241 5.54 11.64 -1.23
N TRP B 242 4.68 10.90 -1.92
CA TRP B 242 3.25 11.05 -1.72
C TRP B 242 2.72 10.14 -0.62
N TRP B 243 2.86 8.82 -0.77
CA TRP B 243 2.10 7.91 0.11
C TRP B 243 2.47 8.11 1.58
N VAL B 244 3.76 8.29 1.85
CA VAL B 244 4.24 8.47 3.23
C VAL B 244 3.93 9.88 3.74
N LEU B 245 4.28 10.89 2.95
CA LEU B 245 4.09 12.29 3.38
C LEU B 245 2.63 12.64 3.57
N ALA B 246 1.77 12.15 2.71
CA ALA B 246 0.36 12.44 2.83
C ALA B 246 -0.19 11.84 4.12
N SER B 247 0.21 10.62 4.42
CA SER B 247 -0.21 9.93 5.64
C SER B 247 0.33 10.69 6.85
N LEU B 248 1.59 11.07 6.81
CA LEU B 248 2.18 11.86 7.92
C LEU B 248 1.43 13.18 8.12
N LYS B 249 1.14 13.89 7.04
CA LYS B 249 0.36 15.13 7.14
C LYS B 249 -1.02 14.92 7.74
N ILE B 250 -1.74 13.90 7.28
CA ILE B 250 -3.06 13.55 7.80
C ILE B 250 -3.03 13.37 9.34
N ILE B 251 -1.99 12.70 9.82
CA ILE B 251 -1.88 12.42 11.27
C ILE B 251 -1.04 13.45 12.02
N GLY B 252 -0.76 14.59 11.37
CA GLY B 252 -0.08 15.72 11.99
C GLY B 252 1.39 15.53 12.34
N ARG B 253 2.10 14.71 11.58
CA ARG B 253 3.49 14.36 11.89
C ARG B 253 4.45 14.53 10.71
N LEU B 254 4.10 15.40 9.76
CA LEU B 254 4.95 15.67 8.61
C LEU B 254 6.37 16.13 8.97
N HIS B 255 6.52 16.84 10.08
CA HIS B 255 7.83 17.32 10.53
C HIS B 255 8.76 16.19 10.99
N TRP B 256 8.25 14.97 11.09
CA TRP B 256 9.08 13.85 11.54
C TRP B 256 10.03 13.30 10.48
N ILE B 257 9.88 13.73 9.23
CA ILE B 257 10.93 13.45 8.24
C ILE B 257 11.80 14.68 7.97
N ASP B 258 12.98 14.42 7.41
CA ASP B 258 13.93 15.47 7.04
C ASP B 258 13.54 16.04 5.70
N ARG B 259 12.95 17.24 5.71
CA ARG B 259 12.38 17.85 4.51
C ARG B 259 13.45 18.16 3.46
N GLU B 260 14.60 18.67 3.89
CA GLU B 260 15.62 19.08 2.93
C GLU B 260 16.21 17.87 2.22
N LYS B 261 16.50 16.79 2.95
CA LYS B 261 17.08 15.61 2.31
C LYS B 261 16.07 14.93 1.37
N LEU B 262 14.81 14.92 1.77
CA LEU B 262 13.77 14.38 0.89
C LEU B 262 13.61 15.24 -0.34
N ARG B 263 13.61 16.56 -0.16
CA ARG B 263 13.48 17.45 -1.29
C ARG B 263 14.59 17.21 -2.32
N SER B 264 15.82 17.03 -1.84
CA SER B 264 16.96 16.75 -2.73
C SER B 264 16.83 15.42 -3.45
N PHE B 265 16.27 14.42 -2.76
CA PHE B 265 16.02 13.13 -3.38
C PHE B 265 14.96 13.26 -4.51
N ILE B 266 13.88 13.98 -4.25
CA ILE B 266 12.80 14.13 -5.21
C ILE B 266 13.33 14.86 -6.47
N LEU B 267 14.06 15.95 -6.26
CA LEU B 267 14.65 16.70 -7.39
C LEU B 267 15.62 15.84 -8.20
N ALA B 268 16.36 14.97 -7.52
CA ALA B 268 17.31 14.08 -8.19
C ALA B 268 16.62 13.01 -9.06
N CYS B 269 15.32 12.80 -8.83
CA CYS B 269 14.53 11.86 -9.63
C CYS B 269 14.00 12.45 -10.95
N GLN B 270 14.18 13.75 -11.14
CA GLN B 270 13.78 14.41 -12.40
C GLN B 270 14.66 13.96 -13.56
N ASP B 271 14.09 13.93 -14.76
CA ASP B 271 14.87 13.76 -15.97
C ASP B 271 15.01 15.13 -16.62
N GLU B 272 16.21 15.69 -16.54
CA GLU B 272 16.44 17.04 -17.05
C GLU B 272 16.37 17.14 -18.59
N GLU B 273 16.42 16.02 -19.29
CA GLU B 273 16.28 16.00 -20.75
C GLU B 273 14.81 15.98 -21.16
N THR B 274 14.10 14.94 -20.71
CA THR B 274 12.73 14.69 -21.12
C THR B 274 11.68 15.41 -20.27
N GLY B 275 12.09 15.95 -19.12
CA GLY B 275 11.14 16.31 -18.09
C GLY B 275 10.54 15.03 -17.50
N GLY B 276 9.61 15.19 -16.56
CA GLY B 276 9.07 14.07 -15.80
C GLY B 276 9.95 13.64 -14.63
N PHE B 277 9.35 12.85 -13.73
CA PHE B 277 10.06 12.20 -12.62
C PHE B 277 9.99 10.68 -12.80
N ALA B 278 11.05 9.99 -12.35
CA ALA B 278 11.09 8.54 -12.33
C ALA B 278 11.06 8.09 -10.88
N ASP B 279 10.82 6.80 -10.66
CA ASP B 279 10.83 6.21 -9.30
C ASP B 279 12.16 6.46 -8.58
N ARG B 280 13.26 6.31 -9.30
CA ARG B 280 14.56 6.68 -8.74
C ARG B 280 15.44 7.36 -9.79
N PRO B 281 16.45 8.13 -9.33
CA PRO B 281 17.26 8.93 -10.27
C PRO B 281 17.84 8.07 -11.38
N GLY B 282 17.89 8.65 -12.59
CA GLY B 282 18.39 7.94 -13.76
C GLY B 282 17.46 6.92 -14.40
N ASP B 283 16.33 6.62 -13.76
CA ASP B 283 15.35 5.70 -14.37
C ASP B 283 14.45 6.48 -15.35
N MET B 284 13.68 5.72 -16.14
CA MET B 284 12.76 6.32 -17.11
C MET B 284 11.53 6.87 -16.40
N VAL B 285 11.17 8.11 -16.73
CA VAL B 285 10.04 8.80 -16.11
C VAL B 285 8.69 8.21 -16.55
N ASP B 286 7.66 8.49 -15.77
CA ASP B 286 6.28 8.22 -16.16
C ASP B 286 5.38 9.25 -15.48
N PRO B 287 4.15 9.42 -15.98
CA PRO B 287 3.24 10.41 -15.41
C PRO B 287 2.87 10.19 -13.93
N PHE B 288 2.81 8.92 -13.52
CA PHE B 288 2.48 8.50 -12.15
C PHE B 288 3.51 9.09 -11.19
N HIS B 289 4.79 8.85 -11.46
CA HIS B 289 5.85 9.37 -10.60
C HIS B 289 6.04 10.87 -10.73
N THR B 290 5.65 11.43 -11.87
CA THR B 290 5.69 12.86 -12.06
C THR B 290 4.67 13.54 -11.14
N LEU B 291 3.44 13.05 -11.13
CA LEU B 291 2.43 13.57 -10.18
C LEU B 291 2.94 13.50 -8.74
N PHE B 292 3.36 12.34 -8.31
CA PHE B 292 3.68 12.15 -6.89
C PHE B 292 4.96 12.86 -6.44
N GLY B 293 5.92 13.00 -7.36
CA GLY B 293 7.08 13.89 -7.15
C GLY B 293 6.64 15.33 -6.92
N ILE B 294 5.79 15.85 -7.81
CA ILE B 294 5.32 17.23 -7.71
C ILE B 294 4.44 17.41 -6.47
N ALA B 295 3.54 16.45 -6.25
CA ALA B 295 2.62 16.52 -5.10
C ALA B 295 3.36 16.41 -3.78
N GLY B 296 4.40 15.58 -3.73
CA GLY B 296 5.24 15.48 -2.54
C GLY B 296 5.94 16.79 -2.22
N LEU B 297 6.50 17.43 -3.25
CA LEU B 297 7.15 18.74 -3.12
C LEU B 297 6.17 19.80 -2.61
N SER B 298 4.93 19.74 -3.09
CA SER B 298 3.91 20.66 -2.61
C SER B 298 3.63 20.46 -1.13
N LEU B 299 3.49 19.20 -0.69
CA LEU B 299 3.34 18.92 0.76
C LEU B 299 4.49 19.50 1.60
N LEU B 300 5.70 19.48 1.03
CA LEU B 300 6.88 20.07 1.69
C LEU B 300 6.94 21.60 1.59
N GLY B 301 5.99 22.21 0.88
CA GLY B 301 5.86 23.67 0.83
C GLY B 301 6.65 24.29 -0.30
N GLU B 302 6.59 23.67 -1.49
CA GLU B 302 7.30 24.19 -2.64
C GLU B 302 6.54 25.37 -3.23
N GLU B 303 7.23 26.51 -3.26
CA GLU B 303 6.71 27.80 -3.71
C GLU B 303 5.97 27.82 -5.07
N GLN B 304 6.51 27.16 -6.08
CA GLN B 304 5.96 27.26 -7.43
C GLN B 304 4.80 26.28 -7.70
N ILE B 305 4.39 25.53 -6.67
CA ILE B 305 3.36 24.49 -6.83
C ILE B 305 2.18 24.78 -5.90
N LYS B 306 0.98 24.58 -6.41
CA LYS B 306 -0.22 24.83 -5.62
C LYS B 306 -0.29 23.90 -4.42
N PRO B 307 -0.78 24.41 -3.28
CA PRO B 307 -1.03 23.49 -2.17
C PRO B 307 -1.97 22.35 -2.58
N VAL B 308 -1.64 21.15 -2.12
CA VAL B 308 -2.36 19.93 -2.49
C VAL B 308 -3.07 19.35 -1.27
N SER B 309 -4.25 18.77 -1.45
CA SER B 309 -4.93 18.04 -0.35
C SER B 309 -4.20 16.74 -0.04
N PRO B 310 -3.76 16.55 1.22
CA PRO B 310 -3.14 15.25 1.54
C PRO B 310 -4.14 14.08 1.49
N VAL B 311 -5.44 14.35 1.59
CA VAL B 311 -6.46 13.30 1.52
C VAL B 311 -6.78 12.91 0.07
N PHE B 312 -7.04 13.91 -0.78
CA PHE B 312 -7.57 13.67 -2.13
C PHE B 312 -6.51 13.74 -3.23
N CYS B 313 -5.32 14.26 -2.93
CA CYS B 313 -4.30 14.46 -3.94
C CYS B 313 -4.92 15.22 -5.11
N MET B 314 -5.43 16.40 -4.79
CA MET B 314 -5.95 17.36 -5.77
C MET B 314 -5.60 18.71 -5.16
N PRO B 315 -5.55 19.78 -5.99
CA PRO B 315 -5.29 21.11 -5.45
C PRO B 315 -6.29 21.49 -4.37
N GLU B 316 -5.81 21.98 -3.23
CA GLU B 316 -6.69 22.41 -2.15
C GLU B 316 -7.75 23.43 -2.57
N GLU B 317 -7.39 24.33 -3.49
CA GLU B 317 -8.34 25.33 -4.01
C GLU B 317 -9.53 24.67 -4.68
N VAL B 318 -9.32 23.50 -5.28
CA VAL B 318 -10.45 22.75 -5.84
C VAL B 318 -11.37 22.25 -4.74
N LEU B 319 -10.79 21.64 -3.71
CA LEU B 319 -11.57 21.14 -2.60
C LEU B 319 -12.26 22.26 -1.80
N GLN B 320 -11.58 23.38 -1.64
CA GLN B 320 -12.18 24.55 -1.00
C GLN B 320 -13.47 24.91 -1.76
N ARG B 321 -13.38 24.92 -3.10
CA ARG B 321 -14.50 25.30 -3.94
CA ARG B 321 -14.50 25.28 -3.97
C ARG B 321 -15.74 24.43 -3.71
N VAL B 322 -15.55 23.13 -3.46
CA VAL B 322 -16.67 22.18 -3.25
C VAL B 322 -16.98 21.93 -1.77
N ASN B 323 -16.29 22.62 -0.87
CA ASN B 323 -16.53 22.52 0.58
C ASN B 323 -16.26 21.11 1.14
N VAL B 324 -15.20 20.47 0.66
CA VAL B 324 -14.86 19.11 1.09
C VAL B 324 -13.42 19.12 1.58
N GLN B 325 -13.24 19.44 2.86
CA GLN B 325 -11.91 19.60 3.44
C GLN B 325 -11.84 18.95 4.81
N PRO B 326 -11.62 17.62 4.84
CA PRO B 326 -11.60 16.88 6.09
C PRO B 326 -10.61 17.46 7.10
N GLU B 327 -11.01 17.52 8.36
CA GLU B 327 -10.12 17.96 9.43
C GLU B 327 -9.00 16.94 9.60
N LEU B 328 -7.76 17.42 9.77
CA LEU B 328 -6.63 16.53 9.99
C LEU B 328 -6.24 16.56 11.47
N VAL B 329 -5.25 15.76 11.85
CA VAL B 329 -4.77 15.75 13.25
C VAL B 329 -4.00 17.03 13.55
N SER B 330 -3.19 17.49 12.58
CA SER B 330 -2.61 18.84 12.55
C SER B 330 -1.21 18.88 11.93
C1 3PZ C . 2.62 2.04 -11.44
N1 3PZ C . -0.23 0.75 -10.96
O1 3PZ C . -1.21 0.03 -13.19
S1 3PZ C . -0.23 -0.43 -12.17
C2 3PZ C . 1.42 2.51 -11.92
N2 3PZ C . 2.70 1.22 -10.39
O2 3PZ C . -0.65 -1.74 -11.60
C3 3PZ C . 1.40 3.41 -12.99
N3 3PZ C . 5.92 2.49 -8.06
O3 3PZ C . 4.97 -1.10 -14.84
C4 3PZ C . 2.58 3.84 -13.58
N4 3PZ C . 5.96 0.45 -8.73
C5 3PZ C . 3.81 3.38 -13.09
N5 3PZ C . 2.41 5.49 -15.55
C6 3PZ C . 3.84 2.48 -12.02
C7 3PZ C . 0.01 2.16 -11.43
C8 3PZ C . 0.48 0.33 -9.73
C9 3PZ C . 1.65 1.26 -9.36
C10 3PZ C . 3.84 0.32 -10.14
C11 3PZ C . 4.86 1.01 -9.25
C12 3PZ C . 4.85 2.27 -8.81
C13 3PZ C . 6.62 1.35 -8.01
C14 3PZ C . 6.41 -0.97 -8.93
C15 3PZ C . -0.52 0.22 -8.55
C16 3PZ C . -2.56 3.93 -7.63
C17 3PZ C . -2.92 3.19 -8.76
C18 3PZ C . -2.28 2.00 -9.06
C19 3PZ C . -1.25 1.53 -8.24
C20 3PZ C . -0.88 2.27 -7.11
C21 3PZ C . -1.54 3.47 -6.82
C22 3PZ C . 3.76 -0.96 -14.21
C23 3PZ C . 2.84 -0.04 -14.69
C24 3PZ C . 1.61 0.12 -14.06
C25 3PZ C . 1.32 -0.64 -12.94
C26 3PZ C . 2.23 -1.58 -12.45
C27 3PZ C . 3.46 -1.73 -13.09
C28 3PZ C . 5.69 0.15 -14.90
C29 3PZ C . 2.51 4.77 -14.68
ZN ZN D . 6.69 4.28 -7.33
CA CA E . -7.12 23.46 -23.25
S DMS F . -2.11 0.75 -2.84
O DMS F . -0.69 0.29 -1.83
C1 DMS F . -2.15 2.54 -3.16
C2 DMS F . -1.83 0.14 -4.53
S DMS G . 2.68 2.24 -5.13
O DMS G . 1.96 0.69 -5.66
C1 DMS G . 1.97 2.64 -3.51
C2 DMS G . 4.39 1.89 -4.67
S DMS H . -5.55 3.70 -4.53
O DMS H . -5.11 3.10 -6.15
C1 DMS H . -4.17 4.65 -3.86
C2 DMS H . -6.73 5.08 -4.74
S DMS I . -4.53 8.24 -5.00
O DMS I . -6.14 8.98 -5.36
C1 DMS I . -3.81 7.45 -6.45
C2 DMS I . -3.40 9.61 -4.74
#